data_8GL4
# 
_entry.id   8GL4 
# 
_audit_conform.dict_name       mmcif_pdbx.dic 
_audit_conform.dict_version    5.396 
_audit_conform.dict_location   http://mmcif.pdb.org/dictionaries/ascii/mmcif_pdbx.dic 
# 
loop_
_database_2.database_id 
_database_2.database_code 
_database_2.pdbx_database_accession 
_database_2.pdbx_DOI 
PDB   8GL4         pdb_00008gl4 10.2210/pdb8gl4/pdb 
WWPDB D_1000273115 ?            ?                   
# 
loop_
_pdbx_audit_revision_history.ordinal 
_pdbx_audit_revision_history.data_content_type 
_pdbx_audit_revision_history.major_revision 
_pdbx_audit_revision_history.minor_revision 
_pdbx_audit_revision_history.revision_date 
1 'Structure model' 1 0 2023-11-15 
2 'Structure model' 2 0 2024-09-25 
# 
_pdbx_audit_revision_details.ordinal             1 
_pdbx_audit_revision_details.revision_ordinal    1 
_pdbx_audit_revision_details.data_content_type   'Structure model' 
_pdbx_audit_revision_details.provider            repository 
_pdbx_audit_revision_details.type                'Initial release' 
_pdbx_audit_revision_details.description         ? 
_pdbx_audit_revision_details.details             ? 
# 
loop_
_pdbx_audit_revision_group.ordinal 
_pdbx_audit_revision_group.revision_ordinal 
_pdbx_audit_revision_group.data_content_type 
_pdbx_audit_revision_group.group 
1 2 'Structure model' 'Atomic model'         
2 2 'Structure model' 'Data collection'      
3 2 'Structure model' 'Database references'  
4 2 'Structure model' 'Derived calculations' 
5 2 'Structure model' 'Polymer sequence'     
6 2 'Structure model' 'Source and taxonomy'  
7 2 'Structure model' 'Structure summary'    
# 
loop_
_pdbx_audit_revision_category.ordinal 
_pdbx_audit_revision_category.revision_ordinal 
_pdbx_audit_revision_category.data_content_type 
_pdbx_audit_revision_category.category 
1  2 'Structure model' atom_site                
2  2 'Structure model' atom_site_anisotrop      
3  2 'Structure model' entity                   
4  2 'Structure model' entity_poly              
5  2 'Structure model' entity_poly_seq          
6  2 'Structure model' pdbx_entity_nonpoly      
7  2 'Structure model' pdbx_entity_src_syn      
8  2 'Structure model' pdbx_nonpoly_scheme      
9  2 'Structure model' pdbx_poly_seq_scheme     
10 2 'Structure model' pdbx_struct_assembly_gen 
11 2 'Structure model' struct_asym              
12 2 'Structure model' struct_conf              
13 2 'Structure model' struct_conn              
14 2 'Structure model' struct_ref_seq           
# 
loop_
_pdbx_audit_revision_item.ordinal 
_pdbx_audit_revision_item.revision_ordinal 
_pdbx_audit_revision_item.data_content_type 
_pdbx_audit_revision_item.item 
1  2 'Structure model' '_atom_site.B_iso_or_equiv'                 
2  2 'Structure model' '_atom_site.Cartn_x'                        
3  2 'Structure model' '_atom_site.Cartn_y'                        
4  2 'Structure model' '_atom_site.Cartn_z'                        
5  2 'Structure model' '_atom_site.auth_atom_id'                   
6  2 'Structure model' '_atom_site.auth_comp_id'                   
7  2 'Structure model' '_atom_site.auth_seq_id'                    
8  2 'Structure model' '_atom_site.group_PDB'                      
9  2 'Structure model' '_atom_site.label_alt_id'                   
10 2 'Structure model' '_atom_site.label_asym_id'                  
11 2 'Structure model' '_atom_site.label_atom_id'                  
12 2 'Structure model' '_atom_site.label_comp_id'                  
13 2 'Structure model' '_atom_site.label_entity_id'                
14 2 'Structure model' '_atom_site.label_seq_id'                   
15 2 'Structure model' '_atom_site.occupancy'                      
16 2 'Structure model' '_atom_site.type_symbol'                    
17 2 'Structure model' '_atom_site_anisotrop.U[1][1]'              
18 2 'Structure model' '_atom_site_anisotrop.U[1][2]'              
19 2 'Structure model' '_atom_site_anisotrop.U[1][3]'              
20 2 'Structure model' '_atom_site_anisotrop.U[2][2]'              
21 2 'Structure model' '_atom_site_anisotrop.U[2][3]'              
22 2 'Structure model' '_atom_site_anisotrop.U[3][3]'              
23 2 'Structure model' '_atom_site_anisotrop.id'                   
24 2 'Structure model' '_atom_site_anisotrop.pdbx_auth_atom_id'    
25 2 'Structure model' '_atom_site_anisotrop.pdbx_auth_comp_id'    
26 2 'Structure model' '_atom_site_anisotrop.pdbx_auth_seq_id'     
27 2 'Structure model' '_atom_site_anisotrop.pdbx_label_alt_id'    
28 2 'Structure model' '_atom_site_anisotrop.pdbx_label_asym_id'   
29 2 'Structure model' '_atom_site_anisotrop.pdbx_label_atom_id'   
30 2 'Structure model' '_atom_site_anisotrop.pdbx_label_comp_id'   
31 2 'Structure model' '_atom_site_anisotrop.pdbx_label_seq_id'    
32 2 'Structure model' '_atom_site_anisotrop.type_symbol'          
33 2 'Structure model' '_entity_poly.pdbx_seq_one_letter_code'     
34 2 'Structure model' '_entity_poly.pdbx_seq_one_letter_code_can' 
35 2 'Structure model' '_pdbx_entity_src_syn.pdbx_end_seq_num'     
36 2 'Structure model' '_pdbx_struct_assembly_gen.asym_id_list'    
37 2 'Structure model' '_struct_conf.beg_auth_comp_id'             
38 2 'Structure model' '_struct_conf.beg_auth_seq_id'              
39 2 'Structure model' '_struct_conf.beg_label_comp_id'            
40 2 'Structure model' '_struct_conf.beg_label_seq_id'             
41 2 'Structure model' '_struct_conf.end_label_seq_id'             
42 2 'Structure model' '_struct_conf.pdbx_PDB_helix_length'        
43 2 'Structure model' '_struct_conn.pdbx_dist_value'              
44 2 'Structure model' '_struct_conn.pdbx_leaving_atom_flag'       
45 2 'Structure model' '_struct_conn.ptnr1_auth_comp_id'           
46 2 'Structure model' '_struct_conn.ptnr1_auth_seq_id'            
47 2 'Structure model' '_struct_conn.ptnr1_label_atom_id'          
48 2 'Structure model' '_struct_conn.ptnr1_label_comp_id'          
49 2 'Structure model' '_struct_conn.ptnr1_label_seq_id'           
50 2 'Structure model' '_struct_conn.ptnr2_auth_comp_id'           
51 2 'Structure model' '_struct_conn.ptnr2_auth_seq_id'            
52 2 'Structure model' '_struct_conn.ptnr2_label_asym_id'          
53 2 'Structure model' '_struct_conn.ptnr2_label_atom_id'          
54 2 'Structure model' '_struct_conn.ptnr2_label_comp_id'          
55 2 'Structure model' '_struct_conn.ptnr2_label_seq_id'           
56 2 'Structure model' '_struct_ref_seq.seq_align_beg'             
57 2 'Structure model' '_struct_ref_seq.seq_align_end'             
# 
_pdbx_database_status.status_code                     REL 
_pdbx_database_status.status_code_sf                  REL 
_pdbx_database_status.status_code_mr                  ? 
_pdbx_database_status.entry_id                        8GL4 
_pdbx_database_status.recvd_initial_deposition_date   2023-03-20 
_pdbx_database_status.SG_entry                        N 
_pdbx_database_status.deposit_site                    RCSB 
_pdbx_database_status.process_site                    RCSB 
_pdbx_database_status.status_code_cs                  ? 
_pdbx_database_status.status_code_nmr_data            ? 
_pdbx_database_status.methods_development_category    ? 
_pdbx_database_status.pdb_format_compatible           Y 
# 
_pdbx_contact_author.id                 2 
_pdbx_contact_author.email              andyn@uic.edu 
_pdbx_contact_author.name_first         Andy 
_pdbx_contact_author.name_last          Nguyen 
_pdbx_contact_author.name_mi            I 
_pdbx_contact_author.role               'principal investigator/group leader' 
_pdbx_contact_author.identifier_ORCID   0000-0003-4137-6453 
# 
loop_
_audit_author.name 
_audit_author.pdbx_ordinal 
_audit_author.identifier_ORCID 
'Hess, S.S.'   1 0000-0002-2125-7679 
'Nguyen, A.I.' 2 0000-0003-4137-6453 
# 
_citation.abstract                  ? 
_citation.abstract_id_CAS           ? 
_citation.book_id_ISBN              ? 
_citation.book_publisher            ? 
_citation.book_publisher_city       ? 
_citation.book_title                ? 
_citation.coordinate_linkage        ? 
_citation.country                   US 
_citation.database_id_Medline       ? 
_citation.details                   ? 
_citation.id                        primary 
_citation.journal_abbrev            J.Am.Chem.Soc. 
_citation.journal_id_ASTM           JACSAT 
_citation.journal_id_CSD            ? 
_citation.journal_id_ISSN           1520-5126 
_citation.journal_full              ? 
_citation.journal_issue             ? 
_citation.journal_volume            145 
_citation.language                  ? 
_citation.page_first                19588 
_citation.page_last                 19600 
_citation.title                     'Noncovalent Peptide Assembly Enables Crystalline, Permutable, and Reactive Thiol Frameworks.' 
_citation.year                      2023 
_citation.database_id_CSD           ? 
_citation.pdbx_database_id_DOI      10.1021/jacs.3c03645 
_citation.pdbx_database_id_PubMed   37639365 
_citation.pdbx_database_id_patent   ? 
_citation.unpublished_flag          ? 
# 
loop_
_citation_author.citation_id 
_citation_author.name 
_citation_author.ordinal 
_citation_author.identifier_ORCID 
primary 'Hess, S.S.'   1 ?                   
primary 'Coppola, F.'  2 0000-0002-2429-204X 
primary 'Dang, V.T.'   3 ?                   
primary 'Tran, P.N.'   4 ?                   
primary 'Mickel, P.J.' 5 ?                   
primary 'Oktawiec, J.' 6 0000-0002-2895-3327 
primary 'Ren, Z.'      7 0000-0001-7098-3127 
primary 'Kral, P.'     8 0000-0003-2992-9027 
primary 'Nguyen, A.I.' 9 0000-0003-4137-6453 
# 
loop_
_entity.id 
_entity.type 
_entity.src_method 
_entity.pdbx_description 
_entity.formula_weight 
_entity.pdbx_number_of_molecules 
_entity.pdbx_ec 
_entity.pdbx_mutation 
_entity.pdbx_fragment 
_entity.details 
1 polymer     syn 'bipyridyl-conjugated helical peptide' 1277.517 1 ? ? ? ? 
2 non-polymer syn ACETONITRILE                           41.052   1 ? ? ? ? 
3 water       nat water                                  18.015   5 ? ? ? ? 
# 
_entity_poly.entity_id                      1 
_entity_poly.type                           'polypeptide(L)' 
_entity_poly.nstd_linkage                   no 
_entity_poly.nstd_monomer                   yes 
_entity_poly.pdbx_seq_one_letter_code       '(NIO)L(AIB)ACLCQ(AIB)L(I77)' 
_entity_poly.pdbx_seq_one_letter_code_can   XLAACLCQALX 
_entity_poly.pdbx_strand_id                 A 
_entity_poly.pdbx_target_identifier         ? 
# 
loop_
_pdbx_entity_nonpoly.entity_id 
_pdbx_entity_nonpoly.name 
_pdbx_entity_nonpoly.comp_id 
2 ACETONITRILE CCN 
3 water        HOH 
# 
loop_
_entity_poly_seq.entity_id 
_entity_poly_seq.num 
_entity_poly_seq.mon_id 
_entity_poly_seq.hetero 
1 1  NIO n 
1 2  LEU n 
1 3  AIB n 
1 4  ALA n 
1 5  CYS n 
1 6  LEU n 
1 7  CYS n 
1 8  GLN n 
1 9  AIB n 
1 10 LEU n 
1 11 I77 n 
# 
_pdbx_entity_src_syn.entity_id              1 
_pdbx_entity_src_syn.pdbx_src_id            1 
_pdbx_entity_src_syn.pdbx_alt_source_flag   sample 
_pdbx_entity_src_syn.pdbx_beg_seq_num       1 
_pdbx_entity_src_syn.pdbx_end_seq_num       11 
_pdbx_entity_src_syn.organism_scientific    'synthetic construct' 
_pdbx_entity_src_syn.organism_common_name   ? 
_pdbx_entity_src_syn.ncbi_taxonomy_id       32630 
_pdbx_entity_src_syn.details                ? 
# 
loop_
_chem_comp.id 
_chem_comp.type 
_chem_comp.mon_nstd_flag 
_chem_comp.name 
_chem_comp.pdbx_synonyms 
_chem_comp.formula 
_chem_comp.formula_weight 
AIB 'L-peptide linking' n 'ALPHA-AMINOISOBUTYRIC ACID'                            ? 'C4 H9 N O2'    103.120 
ALA 'L-peptide linking' y ALANINE                                                 ? 'C3 H7 N O2'    89.093  
CCN non-polymer         . ACETONITRILE                                            ? 'C2 H3 N'       41.052  
CYS 'L-peptide linking' y CYSTEINE                                                ? 'C3 H7 N O2 S'  121.158 
GLN 'L-peptide linking' y GLUTAMINE                                               ? 'C5 H10 N2 O3'  146.144 
HOH non-polymer         . WATER                                                   ? 'H2 O'          18.015  
I77 non-polymer         . "5'-(hydrazinecarbonyl)[2,2'-bipyridine]-5-carboxamide" ? 'C12 H11 N5 O2' 257.248 
LEU 'L-peptide linking' y LEUCINE                                                 ? 'C6 H13 N O2'   131.173 
NIO non-polymer         . 'NICOTINIC ACID'                                        ? 'C6 H5 N O2'    123.109 
# 
loop_
_pdbx_poly_seq_scheme.asym_id 
_pdbx_poly_seq_scheme.entity_id 
_pdbx_poly_seq_scheme.seq_id 
_pdbx_poly_seq_scheme.mon_id 
_pdbx_poly_seq_scheme.ndb_seq_num 
_pdbx_poly_seq_scheme.pdb_seq_num 
_pdbx_poly_seq_scheme.auth_seq_num 
_pdbx_poly_seq_scheme.pdb_mon_id 
_pdbx_poly_seq_scheme.auth_mon_id 
_pdbx_poly_seq_scheme.pdb_strand_id 
_pdbx_poly_seq_scheme.pdb_ins_code 
_pdbx_poly_seq_scheme.hetero 
A 1 1  NIO 1  1  1  NIO NIO A . n 
A 1 2  LEU 2  2  2  LEU LEU A . n 
A 1 3  AIB 3  3  3  AIB AIB A . n 
A 1 4  ALA 4  4  4  ALA ALA A . n 
A 1 5  CYS 5  5  5  CYS CYS A . n 
A 1 6  LEU 6  6  6  LEU LEU A . n 
A 1 7  CYS 7  7  7  CYS CYS A . n 
A 1 8  GLN 8  8  8  GLN GLN A . n 
A 1 9  AIB 9  9  9  AIB AIB A . n 
A 1 10 LEU 10 10 10 LEU LEU A . n 
A 1 11 I77 11 11 11 I77 BPH A . n 
# 
loop_
_pdbx_nonpoly_scheme.asym_id 
_pdbx_nonpoly_scheme.entity_id 
_pdbx_nonpoly_scheme.mon_id 
_pdbx_nonpoly_scheme.ndb_seq_num 
_pdbx_nonpoly_scheme.pdb_seq_num 
_pdbx_nonpoly_scheme.auth_seq_num 
_pdbx_nonpoly_scheme.pdb_mon_id 
_pdbx_nonpoly_scheme.auth_mon_id 
_pdbx_nonpoly_scheme.pdb_strand_id 
_pdbx_nonpoly_scheme.pdb_ins_code 
B 2 CCN 1 201 6 CCN CCN A . 
C 3 HOH 1 301 4 HOH HOH A . 
C 3 HOH 2 302 1 HOH HOH A . 
C 3 HOH 3 303 2 HOH HOH A . 
C 3 HOH 4 304 3 HOH HOH A . 
C 3 HOH 5 305 5 HOH HOH A . 
# 
loop_
_software.citation_id 
_software.classification 
_software.compiler_name 
_software.compiler_version 
_software.contact_author 
_software.contact_author_email 
_software.date 
_software.description 
_software.dependencies 
_software.hardware 
_software.language 
_software.location 
_software.mods 
_software.name 
_software.os 
_software.os_version 
_software.type 
_software.version 
_software.pdbx_ordinal 
? refinement       ? ? ? ? ? ? ? ? ? ? ? PHENIX ? ? ? 1.19.2_4158 1 
? 'data reduction' ? ? ? ? ? ? ? ? ? ? ? XDS    ? ? ? .           2 
? 'data scaling'   ? ? ? ? ? ? ? ? ? ? ? XDS    ? ? ? .           3 
? phasing          ? ? ? ? ? ? ? ? ? ? ? PHASER ? ? ? .           4 
# 
_cell.angle_alpha                  90.000 
_cell.angle_alpha_esd              ? 
_cell.angle_beta                   90.000 
_cell.angle_beta_esd               ? 
_cell.angle_gamma                  90.000 
_cell.angle_gamma_esd              ? 
_cell.entry_id                     8GL4 
_cell.details                      ? 
_cell.formula_units_Z              ? 
_cell.length_a                     8.733 
_cell.length_a_esd                 ? 
_cell.length_b                     16.487 
_cell.length_b_esd                 ? 
_cell.length_c                     55.923 
_cell.length_c_esd                 ? 
_cell.volume                       8051.848 
_cell.volume_esd                   ? 
_cell.Z_PDB                        4 
_cell.reciprocal_angle_alpha       ? 
_cell.reciprocal_angle_beta        ? 
_cell.reciprocal_angle_gamma       ? 
_cell.reciprocal_angle_alpha_esd   ? 
_cell.reciprocal_angle_beta_esd    ? 
_cell.reciprocal_angle_gamma_esd   ? 
_cell.reciprocal_length_a          ? 
_cell.reciprocal_length_b          ? 
_cell.reciprocal_length_c          ? 
_cell.reciprocal_length_a_esd      ? 
_cell.reciprocal_length_b_esd      ? 
_cell.reciprocal_length_c_esd      ? 
_cell.pdbx_unique_axis             ? 
_cell.pdbx_esd_method              ? 
# 
_symmetry.entry_id                         8GL4 
_symmetry.cell_setting                     ? 
_symmetry.Int_Tables_number                18 
_symmetry.space_group_name_Hall            'P 2 2ab (y,z,x)' 
_symmetry.space_group_name_H-M             'P 21 2 21' 
_symmetry.pdbx_full_space_group_name_H-M   ? 
# 
_exptl.absorpt_coefficient_mu     ? 
_exptl.absorpt_correction_T_max   ? 
_exptl.absorpt_correction_T_min   ? 
_exptl.absorpt_correction_type    ? 
_exptl.absorpt_process_details    ? 
_exptl.entry_id                   8GL4 
_exptl.crystals_number            1 
_exptl.details                    ? 
_exptl.method                     'X-RAY DIFFRACTION' 
_exptl.method_details             ? 
# 
_exptl_crystal.colour                       ? 
_exptl_crystal.density_diffrn               ? 
_exptl_crystal.density_Matthews             2.16 
_exptl_crystal.density_method               ? 
_exptl_crystal.density_percent_sol          42.98 
_exptl_crystal.description                  ? 
_exptl_crystal.F_000                        ? 
_exptl_crystal.id                           1 
_exptl_crystal.preparation                  ? 
_exptl_crystal.size_max                     ? 
_exptl_crystal.size_mid                     ? 
_exptl_crystal.size_min                     ? 
_exptl_crystal.size_rad                     ? 
_exptl_crystal.colour_lustre                ? 
_exptl_crystal.colour_modifier              ? 
_exptl_crystal.colour_primary               ? 
_exptl_crystal.density_meas                 ? 
_exptl_crystal.density_meas_esd             ? 
_exptl_crystal.density_meas_gt              ? 
_exptl_crystal.density_meas_lt              ? 
_exptl_crystal.density_meas_temp            ? 
_exptl_crystal.density_meas_temp_esd        ? 
_exptl_crystal.density_meas_temp_gt         ? 
_exptl_crystal.density_meas_temp_lt         ? 
_exptl_crystal.pdbx_crystal_image_url       ? 
_exptl_crystal.pdbx_crystal_image_format    ? 
_exptl_crystal.pdbx_mosaicity               ? 
_exptl_crystal.pdbx_mosaicity_esd           ? 
_exptl_crystal.pdbx_mosaic_method           ? 
_exptl_crystal.pdbx_mosaic_block_size       ? 
_exptl_crystal.pdbx_mosaic_block_size_esd   ? 
# 
_exptl_crystal_grow.apparatus       ? 
_exptl_crystal_grow.atmosphere      ? 
_exptl_crystal_grow.crystal_id      1 
_exptl_crystal_grow.details         ? 
_exptl_crystal_grow.method          'SLOW COOLING' 
_exptl_crystal_grow.method_ref      ? 
_exptl_crystal_grow.pH              ? 
_exptl_crystal_grow.pressure        ? 
_exptl_crystal_grow.pressure_esd    ? 
_exptl_crystal_grow.seeding         ? 
_exptl_crystal_grow.seeding_ref     ? 
_exptl_crystal_grow.temp_details    ? 
_exptl_crystal_grow.temp_esd        ? 
_exptl_crystal_grow.time            ? 
_exptl_crystal_grow.pdbx_details    Water/Acetonitrile 
_exptl_crystal_grow.pdbx_pH_range   ? 
_exptl_crystal_grow.temp            298 
# 
_diffrn.ambient_environment              ? 
_diffrn.ambient_temp                     100 
_diffrn.ambient_temp_details             ? 
_diffrn.ambient_temp_esd                 ? 
_diffrn.crystal_id                       1 
_diffrn.crystal_support                  ? 
_diffrn.crystal_treatment                ? 
_diffrn.details                          ? 
_diffrn.id                               1 
_diffrn.ambient_pressure                 ? 
_diffrn.ambient_pressure_esd             ? 
_diffrn.ambient_pressure_gt              ? 
_diffrn.ambient_pressure_lt              ? 
_diffrn.ambient_temp_gt                  ? 
_diffrn.ambient_temp_lt                  ? 
_diffrn.pdbx_serial_crystal_experiment   N 
# 
_diffrn_detector.details                      ? 
_diffrn_detector.detector                     PIXEL 
_diffrn_detector.diffrn_id                    1 
_diffrn_detector.type                         'DECTRIS EIGER X 9M' 
_diffrn_detector.area_resol_mean              ? 
_diffrn_detector.dtime                        ? 
_diffrn_detector.pdbx_frames_total            ? 
_diffrn_detector.pdbx_collection_time_total   ? 
_diffrn_detector.pdbx_collection_date         2021-12-11 
_diffrn_detector.pdbx_frequency               ? 
_diffrn_detector.id                           ? 
_diffrn_detector.number_of_axes               ? 
# 
_diffrn_radiation.collimation                      ? 
_diffrn_radiation.diffrn_id                        1 
_diffrn_radiation.filter_edge                      ? 
_diffrn_radiation.inhomogeneity                    ? 
_diffrn_radiation.monochromator                    ? 
_diffrn_radiation.polarisn_norm                    ? 
_diffrn_radiation.polarisn_ratio                   ? 
_diffrn_radiation.probe                            ? 
_diffrn_radiation.type                             ? 
_diffrn_radiation.xray_symbol                      ? 
_diffrn_radiation.wavelength_id                    1 
_diffrn_radiation.pdbx_monochromatic_or_laue_m_l   M 
_diffrn_radiation.pdbx_wavelength_list             ? 
_diffrn_radiation.pdbx_wavelength                  ? 
_diffrn_radiation.pdbx_diffrn_protocol             'SINGLE WAVELENGTH' 
_diffrn_radiation.pdbx_analyzer                    ? 
_diffrn_radiation.pdbx_scattering_type             x-ray 
# 
_diffrn_radiation_wavelength.id           1 
_diffrn_radiation_wavelength.wavelength   0.688800 
_diffrn_radiation_wavelength.wt           1.0 
# 
_diffrn_source.current                     ? 
_diffrn_source.details                     ? 
_diffrn_source.diffrn_id                   1 
_diffrn_source.power                       ? 
_diffrn_source.size                        ? 
_diffrn_source.source                      SYNCHROTRON 
_diffrn_source.target                      ? 
_diffrn_source.type                        'APS BEAMLINE 21-ID-D' 
_diffrn_source.voltage                     ? 
_diffrn_source.take-off_angle              ? 
_diffrn_source.pdbx_wavelength_list        0.688800 
_diffrn_source.pdbx_wavelength             ? 
_diffrn_source.pdbx_synchrotron_beamline   21-ID-D 
_diffrn_source.pdbx_synchrotron_site       APS 
# 
_reflns.B_iso_Wilson_estimate                          4.88 
_reflns.entry_id                                       8GL4 
_reflns.data_reduction_details                         ? 
_reflns.data_reduction_method                          ? 
_reflns.d_resolution_high                              0.76 
_reflns.d_resolution_low                               16.49 
_reflns.details                                        ? 
_reflns.limit_h_max                                    ? 
_reflns.limit_h_min                                    ? 
_reflns.limit_k_max                                    ? 
_reflns.limit_k_min                                    ? 
_reflns.limit_l_max                                    ? 
_reflns.limit_l_min                                    ? 
_reflns.number_all                                     ? 
_reflns.number_obs                                     18949 
_reflns.observed_criterion                             ? 
_reflns.observed_criterion_F_max                       ? 
_reflns.observed_criterion_F_min                       ? 
_reflns.observed_criterion_I_max                       ? 
_reflns.observed_criterion_I_min                       ? 
_reflns.observed_criterion_sigma_F                     ? 
_reflns.observed_criterion_sigma_I                     ? 
_reflns.percent_possible_obs                           98.52 
_reflns.R_free_details                                 ? 
_reflns.Rmerge_F_all                                   ? 
_reflns.Rmerge_F_obs                                   ? 
_reflns.Friedel_coverage                               ? 
_reflns.number_gt                                      ? 
_reflns.threshold_expression                           ? 
_reflns.pdbx_redundancy                                10.5 
_reflns.pdbx_netI_over_av_sigmaI                       ? 
_reflns.pdbx_netI_over_sigmaI                          36.99 
_reflns.pdbx_res_netI_over_av_sigmaI_2                 ? 
_reflns.pdbx_res_netI_over_sigmaI_2                    ? 
_reflns.pdbx_chi_squared                               ? 
_reflns.pdbx_scaling_rejects                           ? 
_reflns.pdbx_d_res_high_opt                            ? 
_reflns.pdbx_d_res_low_opt                             ? 
_reflns.pdbx_d_res_opt_method                          ? 
_reflns.phase_calculation_details                      ? 
_reflns.pdbx_Rrim_I_all                                ? 
_reflns.pdbx_Rpim_I_all                                ? 
_reflns.pdbx_d_opt                                     ? 
_reflns.pdbx_number_measured_all                       ? 
_reflns.pdbx_diffrn_id                                 1 
_reflns.pdbx_ordinal                                   1 
_reflns.pdbx_CC_half                                   ? 
_reflns.pdbx_CC_star                                   ? 
_reflns.pdbx_R_split                                   ? 
_reflns.pdbx_Rmerge_I_obs                              0.03805 
_reflns.pdbx_Rmerge_I_all                              ? 
_reflns.pdbx_Rsym_value                                ? 
_reflns.pdbx_CC_split_method                           ? 
_reflns.pdbx_aniso_diffraction_limit_axis_1_ortho[1]   ? 
_reflns.pdbx_aniso_diffraction_limit_axis_1_ortho[2]   ? 
_reflns.pdbx_aniso_diffraction_limit_axis_1_ortho[3]   ? 
_reflns.pdbx_aniso_diffraction_limit_axis_2_ortho[1]   ? 
_reflns.pdbx_aniso_diffraction_limit_axis_2_ortho[2]   ? 
_reflns.pdbx_aniso_diffraction_limit_axis_2_ortho[3]   ? 
_reflns.pdbx_aniso_diffraction_limit_axis_3_ortho[1]   ? 
_reflns.pdbx_aniso_diffraction_limit_axis_3_ortho[2]   ? 
_reflns.pdbx_aniso_diffraction_limit_axis_3_ortho[3]   ? 
_reflns.pdbx_aniso_diffraction_limit_1                 ? 
_reflns.pdbx_aniso_diffraction_limit_2                 ? 
_reflns.pdbx_aniso_diffraction_limit_3                 ? 
_reflns.pdbx_aniso_B_tensor_eigenvector_1_ortho[1]     ? 
_reflns.pdbx_aniso_B_tensor_eigenvector_1_ortho[2]     ? 
_reflns.pdbx_aniso_B_tensor_eigenvector_1_ortho[3]     ? 
_reflns.pdbx_aniso_B_tensor_eigenvector_2_ortho[1]     ? 
_reflns.pdbx_aniso_B_tensor_eigenvector_2_ortho[2]     ? 
_reflns.pdbx_aniso_B_tensor_eigenvector_2_ortho[3]     ? 
_reflns.pdbx_aniso_B_tensor_eigenvector_3_ortho[1]     ? 
_reflns.pdbx_aniso_B_tensor_eigenvector_3_ortho[2]     ? 
_reflns.pdbx_aniso_B_tensor_eigenvector_3_ortho[3]     ? 
_reflns.pdbx_aniso_B_tensor_eigenvalue_1               ? 
_reflns.pdbx_aniso_B_tensor_eigenvalue_2               ? 
_reflns.pdbx_aniso_B_tensor_eigenvalue_3               ? 
_reflns.pdbx_orthogonalization_convention              ? 
_reflns.pdbx_percent_possible_ellipsoidal              ? 
_reflns.pdbx_percent_possible_spherical                ? 
_reflns.pdbx_percent_possible_ellipsoidal_anomalous    ? 
_reflns.pdbx_percent_possible_spherical_anomalous      ? 
_reflns.pdbx_redundancy_anomalous                      ? 
_reflns.pdbx_CC_half_anomalous                         ? 
_reflns.pdbx_absDiff_over_sigma_anomalous              ? 
_reflns.pdbx_percent_possible_anomalous                ? 
_reflns.pdbx_observed_signal_threshold                 ? 
_reflns.pdbx_signal_type                               ? 
_reflns.pdbx_signal_details                            ? 
_reflns.pdbx_signal_software_id                        ? 
# 
_reflns_shell.d_res_high                                    0.76 
_reflns_shell.d_res_low                                     0.7872 
_reflns_shell.meanI_over_sigI_all                           ? 
_reflns_shell.meanI_over_sigI_obs                           ? 
_reflns_shell.number_measured_all                           ? 
_reflns_shell.number_measured_obs                           ? 
_reflns_shell.number_possible                               ? 
_reflns_shell.number_unique_all                             ? 
_reflns_shell.number_unique_obs                             936 
_reflns_shell.percent_possible_obs                          ? 
_reflns_shell.Rmerge_F_all                                  ? 
_reflns_shell.Rmerge_F_obs                                  ? 
_reflns_shell.meanI_over_sigI_gt                            ? 
_reflns_shell.meanI_over_uI_all                             ? 
_reflns_shell.meanI_over_uI_gt                              ? 
_reflns_shell.number_measured_gt                            ? 
_reflns_shell.number_unique_gt                              ? 
_reflns_shell.percent_possible_gt                           ? 
_reflns_shell.Rmerge_F_gt                                   ? 
_reflns_shell.Rmerge_I_gt                                   ? 
_reflns_shell.pdbx_redundancy                               ? 
_reflns_shell.pdbx_chi_squared                              ? 
_reflns_shell.pdbx_netI_over_sigmaI_all                     ? 
_reflns_shell.pdbx_netI_over_sigmaI_obs                     ? 
_reflns_shell.pdbx_Rrim_I_all                               ? 
_reflns_shell.pdbx_Rpim_I_all                               ? 
_reflns_shell.pdbx_rejects                                  ? 
_reflns_shell.pdbx_ordinal                                  1 
_reflns_shell.pdbx_diffrn_id                                1 
_reflns_shell.pdbx_CC_half                                  ? 
_reflns_shell.pdbx_CC_star                                  ? 
_reflns_shell.pdbx_R_split                                  ? 
_reflns_shell.percent_possible_all                          ? 
_reflns_shell.Rmerge_I_all                                  ? 
_reflns_shell.Rmerge_I_obs                                  0.2235 
_reflns_shell.pdbx_Rsym_value                               ? 
_reflns_shell.pdbx_percent_possible_ellipsoidal             ? 
_reflns_shell.pdbx_percent_possible_spherical               ? 
_reflns_shell.pdbx_percent_possible_ellipsoidal_anomalous   ? 
_reflns_shell.pdbx_percent_possible_spherical_anomalous     ? 
_reflns_shell.pdbx_redundancy_anomalous                     ? 
_reflns_shell.pdbx_CC_half_anomalous                        ? 
_reflns_shell.pdbx_absDiff_over_sigma_anomalous             ? 
_reflns_shell.pdbx_percent_possible_anomalous               ? 
# 
_refine.aniso_B[1][1]                            ? 
_refine.aniso_B[1][2]                            ? 
_refine.aniso_B[1][3]                            ? 
_refine.aniso_B[2][2]                            ? 
_refine.aniso_B[2][3]                            ? 
_refine.aniso_B[3][3]                            ? 
_refine.B_iso_max                                ? 
_refine.B_iso_mean                               6.70 
_refine.B_iso_min                                ? 
_refine.correlation_coeff_Fo_to_Fc               ? 
_refine.correlation_coeff_Fo_to_Fc_free          ? 
_refine.details                                  ? 
_refine.diff_density_max                         ? 
_refine.diff_density_max_esd                     ? 
_refine.diff_density_min                         ? 
_refine.diff_density_min_esd                     ? 
_refine.diff_density_rms                         ? 
_refine.diff_density_rms_esd                     ? 
_refine.entry_id                                 8GL4 
_refine.pdbx_refine_id                           'X-RAY DIFFRACTION' 
_refine.ls_abs_structure_details                 ? 
_refine.ls_abs_structure_Flack                   ? 
_refine.ls_abs_structure_Flack_esd               ? 
_refine.ls_abs_structure_Rogers                  ? 
_refine.ls_abs_structure_Rogers_esd              ? 
_refine.ls_d_res_high                            0.76 
_refine.ls_d_res_low                             16.49 
_refine.ls_extinction_coef                       ? 
_refine.ls_extinction_coef_esd                   ? 
_refine.ls_extinction_expression                 ? 
_refine.ls_extinction_method                     ? 
_refine.ls_goodness_of_fit_all                   ? 
_refine.ls_goodness_of_fit_all_esd               ? 
_refine.ls_goodness_of_fit_obs                   ? 
_refine.ls_goodness_of_fit_obs_esd               ? 
_refine.ls_hydrogen_treatment                    ? 
_refine.ls_matrix_type                           ? 
_refine.ls_number_constraints                    ? 
_refine.ls_number_parameters                     ? 
_refine.ls_number_reflns_all                     ? 
_refine.ls_number_reflns_obs                     18949 
_refine.ls_number_reflns_R_free                  1896 
_refine.ls_number_reflns_R_work                  17053 
_refine.ls_number_restraints                     ? 
_refine.ls_percent_reflns_obs                    98.45 
_refine.ls_percent_reflns_R_free                 10.01 
_refine.ls_R_factor_all                          ? 
_refine.ls_R_factor_obs                          0.1075 
_refine.ls_R_factor_R_free                       0.1040 
_refine.ls_R_factor_R_free_error                 ? 
_refine.ls_R_factor_R_free_error_details         ? 
_refine.ls_R_factor_R_work                       0.1080 
_refine.ls_R_Fsqd_factor_obs                     ? 
_refine.ls_R_I_factor_obs                        ? 
_refine.ls_redundancy_reflns_all                 ? 
_refine.ls_redundancy_reflns_obs                 ? 
_refine.ls_restrained_S_all                      ? 
_refine.ls_restrained_S_obs                      ? 
_refine.ls_shift_over_esd_max                    ? 
_refine.ls_shift_over_esd_mean                   ? 
_refine.ls_structure_factor_coef                 ? 
_refine.ls_weighting_details                     ? 
_refine.ls_weighting_scheme                      ? 
_refine.ls_wR_factor_all                         ? 
_refine.ls_wR_factor_obs                         ? 
_refine.ls_wR_factor_R_free                      ? 
_refine.ls_wR_factor_R_work                      ? 
_refine.occupancy_max                            ? 
_refine.occupancy_min                            ? 
_refine.solvent_model_details                    'FLAT BULK SOLVENT MODEL' 
_refine.solvent_model_param_bsol                 ? 
_refine.solvent_model_param_ksol                 ? 
_refine.pdbx_R_complete                          ? 
_refine.ls_R_factor_gt                           ? 
_refine.ls_goodness_of_fit_gt                    ? 
_refine.ls_goodness_of_fit_ref                   ? 
_refine.ls_shift_over_su_max                     ? 
_refine.ls_shift_over_su_max_lt                  ? 
_refine.ls_shift_over_su_mean                    ? 
_refine.ls_shift_over_su_mean_lt                 ? 
_refine.pdbx_ls_sigma_I                          ? 
_refine.pdbx_ls_sigma_F                          1.43 
_refine.pdbx_ls_sigma_Fsqd                       ? 
_refine.pdbx_data_cutoff_high_absF               ? 
_refine.pdbx_data_cutoff_high_rms_absF           ? 
_refine.pdbx_data_cutoff_low_absF                ? 
_refine.pdbx_isotropic_thermal_model             ? 
_refine.pdbx_ls_cross_valid_method               'FREE R-VALUE' 
_refine.pdbx_method_to_determine_struct          'MOLECULAR REPLACEMENT' 
_refine.pdbx_starting_model                      ? 
_refine.pdbx_stereochemistry_target_values       'GeoStd + Monomer Library + CDL v1.2' 
_refine.pdbx_R_Free_selection_details            ? 
_refine.pdbx_stereochem_target_val_spec_case     ? 
_refine.pdbx_overall_ESU_R                       ? 
_refine.pdbx_overall_ESU_R_Free                  ? 
_refine.pdbx_solvent_vdw_probe_radii             1.1100 
_refine.pdbx_solvent_ion_probe_radii             ? 
_refine.pdbx_solvent_shrinkage_radii             0.9000 
_refine.pdbx_real_space_R                        ? 
_refine.pdbx_density_correlation                 ? 
_refine.pdbx_pd_number_of_powder_patterns        ? 
_refine.pdbx_pd_number_of_points                 ? 
_refine.pdbx_pd_meas_number_of_points            ? 
_refine.pdbx_pd_proc_ls_prof_R_factor            ? 
_refine.pdbx_pd_proc_ls_prof_wR_factor           ? 
_refine.pdbx_pd_Marquardt_correlation_coeff      ? 
_refine.pdbx_pd_Fsqrd_R_factor                   ? 
_refine.pdbx_pd_ls_matrix_band_width             ? 
_refine.pdbx_overall_phase_error                 9.5300 
_refine.pdbx_overall_SU_R_free_Cruickshank_DPI   ? 
_refine.pdbx_overall_SU_R_free_Blow_DPI          ? 
_refine.pdbx_overall_SU_R_Blow_DPI               ? 
_refine.pdbx_TLS_residual_ADP_flag               ? 
_refine.pdbx_diffrn_id                           1 
_refine.overall_SU_B                             ? 
_refine.overall_SU_ML                            0.0276 
_refine.overall_SU_R_Cruickshank_DPI             ? 
_refine.overall_SU_R_free                        ? 
_refine.overall_FOM_free_R_set                   ? 
_refine.overall_FOM_work_R_set                   ? 
_refine.pdbx_average_fsc_overall                 ? 
_refine.pdbx_average_fsc_work                    ? 
_refine.pdbx_average_fsc_free                    ? 
# 
_refine_hist.pdbx_refine_id                   'X-RAY DIFFRACTION' 
_refine_hist.cycle_id                         LAST 
_refine_hist.details                          ? 
_refine_hist.d_res_high                       0.76 
_refine_hist.d_res_low                        16.49 
_refine_hist.number_atoms_solvent             5 
_refine_hist.number_atoms_total               97 
_refine_hist.number_reflns_all                ? 
_refine_hist.number_reflns_obs                ? 
_refine_hist.number_reflns_R_free             ? 
_refine_hist.number_reflns_R_work             ? 
_refine_hist.R_factor_all                     ? 
_refine_hist.R_factor_obs                     ? 
_refine_hist.R_factor_R_free                  ? 
_refine_hist.R_factor_R_work                  ? 
_refine_hist.pdbx_number_residues_total       ? 
_refine_hist.pdbx_B_iso_mean_ligand           ? 
_refine_hist.pdbx_B_iso_mean_solvent          ? 
_refine_hist.pdbx_number_atoms_protein        62 
_refine_hist.pdbx_number_atoms_nucleic_acid   0 
_refine_hist.pdbx_number_atoms_ligand         30 
_refine_hist.pdbx_number_atoms_lipid          ? 
_refine_hist.pdbx_number_atoms_carb           ? 
_refine_hist.pdbx_pseudo_atom_details         ? 
# 
loop_
_refine_ls_restr.pdbx_refine_id 
_refine_ls_restr.criterion 
_refine_ls_restr.dev_ideal 
_refine_ls_restr.dev_ideal_target 
_refine_ls_restr.number 
_refine_ls_restr.rejects 
_refine_ls_restr.type 
_refine_ls_restr.weight 
_refine_ls_restr.pdbx_restraint_function 
'X-RAY DIFFRACTION' ? 0.0169  ? 108 ? f_bond_d           ? ? 
'X-RAY DIFFRACTION' ? 2.3533  ? 148 ? f_angle_d          ? ? 
'X-RAY DIFFRACTION' ? 0.1055  ? 12  ? f_chiral_restr     ? ? 
'X-RAY DIFFRACTION' ? 0.0087  ? 19  ? f_plane_restr      ? ? 
'X-RAY DIFFRACTION' ? 24.0521 ? 32  ? f_dihedral_angle_d ? ? 
# 
loop_
_refine_ls_shell.pdbx_refine_id 
_refine_ls_shell.d_res_high 
_refine_ls_shell.d_res_low 
_refine_ls_shell.number_reflns_all 
_refine_ls_shell.number_reflns_obs 
_refine_ls_shell.number_reflns_R_free 
_refine_ls_shell.number_reflns_R_work 
_refine_ls_shell.percent_reflns_obs 
_refine_ls_shell.percent_reflns_R_free 
_refine_ls_shell.R_factor_all 
_refine_ls_shell.R_factor_obs 
_refine_ls_shell.R_factor_R_free_error 
_refine_ls_shell.R_factor_R_work 
_refine_ls_shell.redundancy_reflns_all 
_refine_ls_shell.redundancy_reflns_obs 
_refine_ls_shell.wR_factor_all 
_refine_ls_shell.wR_factor_obs 
_refine_ls_shell.wR_factor_R_free 
_refine_ls_shell.wR_factor_R_work 
_refine_ls_shell.pdbx_R_complete 
_refine_ls_shell.pdbx_total_number_of_bins_used 
_refine_ls_shell.pdbx_phase_error 
_refine_ls_shell.pdbx_fsc_work 
_refine_ls_shell.pdbx_fsc_free 
_refine_ls_shell.R_factor_R_free 
'X-RAY DIFFRACTION' 0.76 0.78  . . 123 1108 86.51  . . . . 0.1795 . . . . . . . . . . . 0.1756 
'X-RAY DIFFRACTION' 0.78 0.80  . . 129 1173 95.04  . . . . 0.1404 . . . . . . . . . . . 0.1368 
'X-RAY DIFFRACTION' 0.80 0.82  . . 133 1207 99.48  . . . . 0.1154 . . . . . . . . . . . 0.1512 
'X-RAY DIFFRACTION' 0.82 0.85  . . 138 1234 99.85  . . . . 0.1083 . . . . . . . . . . . 0.1233 
'X-RAY DIFFRACTION' 0.85 0.88  . . 143 1250 100.00 . . . . 0.1052 . . . . . . . . . . . 0.1047 
'X-RAY DIFFRACTION' 0.88 0.92  . . 140 1207 99.93  . . . . 0.0994 . . . . . . . . . . . 0.0814 
'X-RAY DIFFRACTION' 0.92 0.96  . . 139 1245 99.78  . . . . 0.0975 . . . . . . . . . . . 0.0958 
'X-RAY DIFFRACTION' 0.96 1.01  . . 127 1212 100.00 . . . . 0.0863 . . . . . . . . . . . 0.0862 
'X-RAY DIFFRACTION' 1.01 1.07  . . 140 1254 99.64  . . . . 0.0877 . . . . . . . . . . . 0.0988 
'X-RAY DIFFRACTION' 1.07 1.15  . . 132 1219 100.00 . . . . 0.0869 . . . . . . . . . . . 0.1114 
'X-RAY DIFFRACTION' 1.15 1.27  . . 139 1264 100.00 . . . . 0.0932 . . . . . . . . . . . 0.0732 
'X-RAY DIFFRACTION' 1.27 1.45  . . 136 1236 99.93  . . . . 0.1044 . . . . . . . . . . . 0.1006 
'X-RAY DIFFRACTION' 1.45 1.83  . . 140 1230 99.85  . . . . 0.1095 . . . . . . . . . . . 0.1025 
'X-RAY DIFFRACTION' 1.83 16.49 . . 137 1214 98.83  . . . . 0.1244 . . . . . . . . . . . 0.1110 
# 
_struct.entry_id                     8GL4 
_struct.title                        'Porous framework formed by assembly of a bipyridyl-conjugated helical peptide' 
_struct.pdbx_model_details           ? 
_struct.pdbx_formula_weight          ? 
_struct.pdbx_formula_weight_method   ? 
_struct.pdbx_model_type_details      ? 
_struct.pdbx_CASP_flag               N 
# 
_struct_keywords.entry_id        8GL4 
_struct_keywords.text            'DE NOVO PROTEIN' 
_struct_keywords.pdbx_keywords   'DE NOVO PROTEIN' 
# 
loop_
_struct_asym.id 
_struct_asym.pdbx_blank_PDB_chainid_flag 
_struct_asym.pdbx_modified 
_struct_asym.entity_id 
_struct_asym.details 
A N N 1 ? 
B N N 2 ? 
C N N 3 ? 
# 
_struct_ref.id                         1 
_struct_ref.db_name                    PDB 
_struct_ref.db_code                    8GL4 
_struct_ref.pdbx_db_accession          8GL4 
_struct_ref.pdbx_db_isoform            ? 
_struct_ref.entity_id                  1 
_struct_ref.pdbx_seq_one_letter_code   ? 
_struct_ref.pdbx_align_begin           1 
# 
_struct_ref_seq.align_id                      1 
_struct_ref_seq.ref_id                        1 
_struct_ref_seq.pdbx_PDB_id_code              8GL4 
_struct_ref_seq.pdbx_strand_id                A 
_struct_ref_seq.seq_align_beg                 2 
_struct_ref_seq.pdbx_seq_align_beg_ins_code   ? 
_struct_ref_seq.seq_align_end                 10 
_struct_ref_seq.pdbx_seq_align_end_ins_code   ? 
_struct_ref_seq.pdbx_db_accession             8GL4 
_struct_ref_seq.db_align_beg                  2 
_struct_ref_seq.pdbx_db_align_beg_ins_code    ? 
_struct_ref_seq.db_align_end                  10 
_struct_ref_seq.pdbx_db_align_end_ins_code    ? 
_struct_ref_seq.pdbx_auth_seq_align_beg       2 
_struct_ref_seq.pdbx_auth_seq_align_end       10 
# 
_pdbx_struct_assembly.id                   1 
_pdbx_struct_assembly.details              author_defined_assembly 
_pdbx_struct_assembly.method_details       ? 
_pdbx_struct_assembly.oligomeric_details   monomeric 
_pdbx_struct_assembly.oligomeric_count     1 
# 
_pdbx_struct_assembly_gen.assembly_id       1 
_pdbx_struct_assembly_gen.oper_expression   1 
_pdbx_struct_assembly_gen.asym_id_list      A,B,C 
# 
_pdbx_struct_assembly_auth_evidence.id                     1 
_pdbx_struct_assembly_auth_evidence.assembly_id            1 
_pdbx_struct_assembly_auth_evidence.experimental_support   none 
_pdbx_struct_assembly_auth_evidence.details                ? 
# 
_pdbx_struct_oper_list.id                   1 
_pdbx_struct_oper_list.type                 'identity operation' 
_pdbx_struct_oper_list.name                 1_555 
_pdbx_struct_oper_list.symmetry_operation   x,y,z 
_pdbx_struct_oper_list.matrix[1][1]         1.0000000000 
_pdbx_struct_oper_list.matrix[1][2]         0.0000000000 
_pdbx_struct_oper_list.matrix[1][3]         0.0000000000 
_pdbx_struct_oper_list.vector[1]            0.0000000000 
_pdbx_struct_oper_list.matrix[2][1]         0.0000000000 
_pdbx_struct_oper_list.matrix[2][2]         1.0000000000 
_pdbx_struct_oper_list.matrix[2][3]         0.0000000000 
_pdbx_struct_oper_list.vector[2]            0.0000000000 
_pdbx_struct_oper_list.matrix[3][1]         0.0000000000 
_pdbx_struct_oper_list.matrix[3][2]         0.0000000000 
_pdbx_struct_oper_list.matrix[3][3]         1.0000000000 
_pdbx_struct_oper_list.vector[3]            0.0000000000 
# 
_struct_conf.conf_type_id            HELX_P 
_struct_conf.id                      HELX_P1 
_struct_conf.pdbx_PDB_helix_id       AA1 
_struct_conf.beg_label_comp_id       AIB 
_struct_conf.beg_label_asym_id       A 
_struct_conf.beg_label_seq_id        3 
_struct_conf.pdbx_beg_PDB_ins_code   ? 
_struct_conf.end_label_comp_id       LEU 
_struct_conf.end_label_asym_id       A 
_struct_conf.end_label_seq_id        10 
_struct_conf.pdbx_end_PDB_ins_code   ? 
_struct_conf.beg_auth_comp_id        AIB 
_struct_conf.beg_auth_asym_id        A 
_struct_conf.beg_auth_seq_id         3 
_struct_conf.end_auth_comp_id        LEU 
_struct_conf.end_auth_asym_id        A 
_struct_conf.end_auth_seq_id         10 
_struct_conf.pdbx_PDB_helix_class    1 
_struct_conf.details                 ? 
_struct_conf.pdbx_PDB_helix_length   8 
# 
_struct_conf_type.id          HELX_P 
_struct_conf_type.criteria    ? 
_struct_conf_type.reference   ? 
# 
loop_
_struct_conn.id 
_struct_conn.conn_type_id 
_struct_conn.pdbx_leaving_atom_flag 
_struct_conn.pdbx_PDB_id 
_struct_conn.ptnr1_label_asym_id 
_struct_conn.ptnr1_label_comp_id 
_struct_conn.ptnr1_label_seq_id 
_struct_conn.ptnr1_label_atom_id 
_struct_conn.pdbx_ptnr1_label_alt_id 
_struct_conn.pdbx_ptnr1_PDB_ins_code 
_struct_conn.pdbx_ptnr1_standard_comp_id 
_struct_conn.ptnr1_symmetry 
_struct_conn.ptnr2_label_asym_id 
_struct_conn.ptnr2_label_comp_id 
_struct_conn.ptnr2_label_seq_id 
_struct_conn.ptnr2_label_atom_id 
_struct_conn.pdbx_ptnr2_label_alt_id 
_struct_conn.pdbx_ptnr2_PDB_ins_code 
_struct_conn.ptnr1_auth_asym_id 
_struct_conn.ptnr1_auth_comp_id 
_struct_conn.ptnr1_auth_seq_id 
_struct_conn.ptnr2_auth_asym_id 
_struct_conn.ptnr2_auth_comp_id 
_struct_conn.ptnr2_auth_seq_id 
_struct_conn.ptnr2_symmetry 
_struct_conn.pdbx_ptnr3_label_atom_id 
_struct_conn.pdbx_ptnr3_label_seq_id 
_struct_conn.pdbx_ptnr3_label_comp_id 
_struct_conn.pdbx_ptnr3_label_asym_id 
_struct_conn.pdbx_ptnr3_label_alt_id 
_struct_conn.pdbx_ptnr3_PDB_ins_code 
_struct_conn.details 
_struct_conn.pdbx_dist_value 
_struct_conn.pdbx_value_order 
_struct_conn.pdbx_role 
covale1 covale one  ? A NIO 1  C6 ? ? ? 1_555 A LEU 2  N   ? ? A NIO 1  A LEU 2  1_555 ? ? ? ? ? ? ? 1.391 ? ? 
covale2 covale both ? A LEU 2  C  ? ? ? 1_555 A AIB 3  N   ? ? A LEU 2  A AIB 3  1_555 ? ? ? ? ? ? ? 1.337 ? ? 
covale3 covale both ? A AIB 3  C  ? ? ? 1_555 A ALA 4  N   ? ? A AIB 3  A ALA 4  1_555 ? ? ? ? ? ? ? 1.333 ? ? 
covale4 covale both ? A GLN 8  C  A ? ? 1_555 A AIB 9  N   ? ? A GLN 8  A AIB 9  1_555 ? ? ? ? ? ? ? 1.332 ? ? 
covale5 covale both ? A GLN 8  C  B ? ? 1_555 A AIB 9  N   ? ? A GLN 8  A AIB 9  1_555 ? ? ? ? ? ? ? 1.333 ? ? 
covale6 covale both ? A AIB 9  C  ? ? ? 1_555 A LEU 10 N   ? ? A AIB 9  A LEU 10 1_555 ? ? ? ? ? ? ? 1.346 ? ? 
covale7 covale one  ? A LEU 10 C  ? ? ? 1_555 A I77 11 N15 ? ? A LEU 10 A I77 11 1_555 ? ? ? ? ? ? ? 1.413 ? ? 
# 
_struct_conn_type.id          covale 
_struct_conn_type.criteria    ? 
_struct_conn_type.reference   ? 
# 
_pdbx_entry_details.entry_id                   8GL4 
_pdbx_entry_details.has_ligand_of_interest     N 
_pdbx_entry_details.compound_details           ? 
_pdbx_entry_details.source_details             ? 
_pdbx_entry_details.nonpolymer_details         ? 
_pdbx_entry_details.sequence_details           ? 
_pdbx_entry_details.has_protein_modification   ? 
# 
_pdbx_validate_rmsd_angle.id                         1 
_pdbx_validate_rmsd_angle.PDB_model_num              1 
_pdbx_validate_rmsd_angle.auth_atom_id_1             CB 
_pdbx_validate_rmsd_angle.auth_asym_id_1             A 
_pdbx_validate_rmsd_angle.auth_comp_id_1             CYS 
_pdbx_validate_rmsd_angle.auth_seq_id_1              5 
_pdbx_validate_rmsd_angle.PDB_ins_code_1             ? 
_pdbx_validate_rmsd_angle.label_alt_id_1             B 
_pdbx_validate_rmsd_angle.auth_atom_id_2             CA 
_pdbx_validate_rmsd_angle.auth_asym_id_2             A 
_pdbx_validate_rmsd_angle.auth_comp_id_2             CYS 
_pdbx_validate_rmsd_angle.auth_seq_id_2              5 
_pdbx_validate_rmsd_angle.PDB_ins_code_2             ? 
_pdbx_validate_rmsd_angle.label_alt_id_2             B 
_pdbx_validate_rmsd_angle.auth_atom_id_3             C 
_pdbx_validate_rmsd_angle.auth_asym_id_3             A 
_pdbx_validate_rmsd_angle.auth_comp_id_3             CYS 
_pdbx_validate_rmsd_angle.auth_seq_id_3              5 
_pdbx_validate_rmsd_angle.PDB_ins_code_3             ? 
_pdbx_validate_rmsd_angle.label_alt_id_3             B 
_pdbx_validate_rmsd_angle.angle_value                126.59 
_pdbx_validate_rmsd_angle.angle_target_value         111.50 
_pdbx_validate_rmsd_angle.angle_deviation            15.09 
_pdbx_validate_rmsd_angle.angle_standard_deviation   1.20 
_pdbx_validate_rmsd_angle.linker_flag                N 
# 
loop_
_space_group_symop.id 
_space_group_symop.operation_xyz 
1 x,y,z           
2 x+1/2,-y,-z+1/2 
3 -x,y,-z         
4 -x+1/2,-y,z+1/2 
# 
loop_
_chem_comp_atom.comp_id 
_chem_comp_atom.atom_id 
_chem_comp_atom.type_symbol 
_chem_comp_atom.pdbx_aromatic_flag 
_chem_comp_atom.pdbx_stereo_config 
_chem_comp_atom.pdbx_ordinal 
AIB N    N N N 1   
AIB CA   C N N 2   
AIB C    C N N 3   
AIB O    O N N 4   
AIB OXT  O N N 5   
AIB CB1  C N N 6   
AIB CB2  C N N 7   
AIB H    H N N 8   
AIB H2   H N N 9   
AIB HXT  H N N 10  
AIB HB11 H N N 11  
AIB HB12 H N N 12  
AIB HB13 H N N 13  
AIB HB21 H N N 14  
AIB HB22 H N N 15  
AIB HB23 H N N 16  
ALA N    N N N 17  
ALA CA   C N S 18  
ALA C    C N N 19  
ALA O    O N N 20  
ALA CB   C N N 21  
ALA OXT  O N N 22  
ALA H    H N N 23  
ALA H2   H N N 24  
ALA HA   H N N 25  
ALA HB1  H N N 26  
ALA HB2  H N N 27  
ALA HB3  H N N 28  
ALA HXT  H N N 29  
CCN N    N N N 30  
CCN C1   C N N 31  
CCN C2   C N N 32  
CCN H21  H N N 33  
CCN H22  H N N 34  
CCN H23  H N N 35  
CYS N    N N N 36  
CYS CA   C N R 37  
CYS C    C N N 38  
CYS O    O N N 39  
CYS CB   C N N 40  
CYS SG   S N N 41  
CYS OXT  O N N 42  
CYS H    H N N 43  
CYS H2   H N N 44  
CYS HA   H N N 45  
CYS HB2  H N N 46  
CYS HB3  H N N 47  
CYS HG   H N N 48  
CYS HXT  H N N 49  
GLN N    N N N 50  
GLN CA   C N S 51  
GLN C    C N N 52  
GLN O    O N N 53  
GLN CB   C N N 54  
GLN CG   C N N 55  
GLN CD   C N N 56  
GLN OE1  O N N 57  
GLN NE2  N N N 58  
GLN OXT  O N N 59  
GLN H    H N N 60  
GLN H2   H N N 61  
GLN HA   H N N 62  
GLN HB2  H N N 63  
GLN HB3  H N N 64  
GLN HG2  H N N 65  
GLN HG3  H N N 66  
GLN HE21 H N N 67  
GLN HE22 H N N 68  
GLN HXT  H N N 69  
HOH O    O N N 70  
HOH H1   H N N 71  
HOH H2   H N N 72  
I77 C11  C Y N 73  
I77 C12  C Y N 74  
I77 C13  C N N 75  
I77 C17  C Y N 76  
I77 C18  C Y N 77  
I77 C02  C N N 78  
I77 C03  C Y N 79  
I77 C04  C Y N 80  
I77 C05  C Y N 81  
I77 C06  C Y N 82  
I77 C08  C Y N 83  
I77 C09  C Y N 84  
I77 N01  N N N 85  
I77 N07  N Y N 86  
I77 N10  N Y N 87  
I77 N14  N N N 88  
I77 N15  N N N 89  
I77 O16  O N N 90  
I77 O19  O N N 91  
I77 H111 H N N 92  
I77 H171 H N N 93  
I77 H181 H N N 94  
I77 H041 H N N 95  
I77 H051 H N N 96  
I77 H061 H N N 97  
I77 H011 H N N 98  
I77 H012 H N N 99  
I77 H141 H N N 100 
I77 H1   H N N 101 
I77 H2   H N N 102 
LEU N    N N N 103 
LEU CA   C N S 104 
LEU C    C N N 105 
LEU O    O N N 106 
LEU CB   C N N 107 
LEU CG   C N N 108 
LEU CD1  C N N 109 
LEU CD2  C N N 110 
LEU OXT  O N N 111 
LEU H    H N N 112 
LEU H2   H N N 113 
LEU HA   H N N 114 
LEU HB2  H N N 115 
LEU HB3  H N N 116 
LEU HG   H N N 117 
LEU HD11 H N N 118 
LEU HD12 H N N 119 
LEU HD13 H N N 120 
LEU HD21 H N N 121 
LEU HD22 H N N 122 
LEU HD23 H N N 123 
LEU HXT  H N N 124 
NIO N    N Y N 125 
NIO C1   C Y N 126 
NIO C2   C Y N 127 
NIO C3   C Y N 128 
NIO C4   C Y N 129 
NIO C5   C Y N 130 
NIO C6   C N N 131 
NIO O1   O N N 132 
NIO O2   O N N 133 
NIO H1   H N N 134 
NIO H3   H N N 135 
NIO H4   H N N 136 
NIO H5   H N N 137 
NIO HO2  H N N 138 
# 
loop_
_chem_comp_bond.comp_id 
_chem_comp_bond.atom_id_1 
_chem_comp_bond.atom_id_2 
_chem_comp_bond.value_order 
_chem_comp_bond.pdbx_aromatic_flag 
_chem_comp_bond.pdbx_stereo_config 
_chem_comp_bond.pdbx_ordinal 
AIB N   CA   sing N N 1   
AIB N   H    sing N N 2   
AIB N   H2   sing N N 3   
AIB CA  C    sing N N 4   
AIB CA  CB1  sing N N 5   
AIB CA  CB2  sing N N 6   
AIB C   O    doub N N 7   
AIB C   OXT  sing N N 8   
AIB OXT HXT  sing N N 9   
AIB CB1 HB11 sing N N 10  
AIB CB1 HB12 sing N N 11  
AIB CB1 HB13 sing N N 12  
AIB CB2 HB21 sing N N 13  
AIB CB2 HB22 sing N N 14  
AIB CB2 HB23 sing N N 15  
ALA N   CA   sing N N 16  
ALA N   H    sing N N 17  
ALA N   H2   sing N N 18  
ALA CA  C    sing N N 19  
ALA CA  CB   sing N N 20  
ALA CA  HA   sing N N 21  
ALA C   O    doub N N 22  
ALA C   OXT  sing N N 23  
ALA CB  HB1  sing N N 24  
ALA CB  HB2  sing N N 25  
ALA CB  HB3  sing N N 26  
ALA OXT HXT  sing N N 27  
CCN N   C1   trip N N 28  
CCN C1  C2   sing N N 29  
CCN C2  H21  sing N N 30  
CCN C2  H22  sing N N 31  
CCN C2  H23  sing N N 32  
CYS N   CA   sing N N 33  
CYS N   H    sing N N 34  
CYS N   H2   sing N N 35  
CYS CA  C    sing N N 36  
CYS CA  CB   sing N N 37  
CYS CA  HA   sing N N 38  
CYS C   O    doub N N 39  
CYS C   OXT  sing N N 40  
CYS CB  SG   sing N N 41  
CYS CB  HB2  sing N N 42  
CYS CB  HB3  sing N N 43  
CYS SG  HG   sing N N 44  
CYS OXT HXT  sing N N 45  
GLN N   CA   sing N N 46  
GLN N   H    sing N N 47  
GLN N   H2   sing N N 48  
GLN CA  C    sing N N 49  
GLN CA  CB   sing N N 50  
GLN CA  HA   sing N N 51  
GLN C   O    doub N N 52  
GLN C   OXT  sing N N 53  
GLN CB  CG   sing N N 54  
GLN CB  HB2  sing N N 55  
GLN CB  HB3  sing N N 56  
GLN CG  CD   sing N N 57  
GLN CG  HG2  sing N N 58  
GLN CG  HG3  sing N N 59  
GLN CD  OE1  doub N N 60  
GLN CD  NE2  sing N N 61  
GLN NE2 HE21 sing N N 62  
GLN NE2 HE22 sing N N 63  
GLN OXT HXT  sing N N 64  
HOH O   H1   sing N N 65  
HOH O   H2   sing N N 66  
I77 N15 N14  sing N N 67  
I77 O16 C13  doub N N 68  
I77 N14 C13  sing N N 69  
I77 C13 C12  sing N N 70  
I77 C12 C17  doub Y N 71  
I77 C12 C11  sing Y N 72  
I77 C17 C18  sing Y N 73  
I77 C11 N10  doub Y N 74  
I77 C18 C09  doub Y N 75  
I77 N10 C09  sing Y N 76  
I77 C09 C08  sing N N 77  
I77 C08 N07  doub Y N 78  
I77 C08 C05  sing Y N 79  
I77 N07 C06  sing Y N 80  
I77 C05 C04  doub Y N 81  
I77 C06 C03  doub Y N 82  
I77 C04 C03  sing Y N 83  
I77 C03 C02  sing N N 84  
I77 C02 N01  sing N N 85  
I77 C02 O19  doub N N 86  
I77 C11 H111 sing N N 87  
I77 C17 H171 sing N N 88  
I77 C18 H181 sing N N 89  
I77 C04 H041 sing N N 90  
I77 C05 H051 sing N N 91  
I77 C06 H061 sing N N 92  
I77 N01 H011 sing N N 93  
I77 N01 H012 sing N N 94  
I77 N14 H141 sing N N 95  
I77 N15 H1   sing N N 96  
I77 N15 H2   sing N N 97  
LEU N   CA   sing N N 98  
LEU N   H    sing N N 99  
LEU N   H2   sing N N 100 
LEU CA  C    sing N N 101 
LEU CA  CB   sing N N 102 
LEU CA  HA   sing N N 103 
LEU C   O    doub N N 104 
LEU C   OXT  sing N N 105 
LEU CB  CG   sing N N 106 
LEU CB  HB2  sing N N 107 
LEU CB  HB3  sing N N 108 
LEU CG  CD1  sing N N 109 
LEU CG  CD2  sing N N 110 
LEU CG  HG   sing N N 111 
LEU CD1 HD11 sing N N 112 
LEU CD1 HD12 sing N N 113 
LEU CD1 HD13 sing N N 114 
LEU CD2 HD21 sing N N 115 
LEU CD2 HD22 sing N N 116 
LEU CD2 HD23 sing N N 117 
LEU OXT HXT  sing N N 118 
NIO N   C1   doub Y N 119 
NIO N   C5   sing Y N 120 
NIO C1  C2   sing Y N 121 
NIO C1  H1   sing N N 122 
NIO C2  C3   doub Y N 123 
NIO C2  C6   sing N N 124 
NIO C3  C4   sing Y N 125 
NIO C3  H3   sing N N 126 
NIO C4  C5   doub Y N 127 
NIO C4  H4   sing N N 128 
NIO C5  H5   sing N N 129 
NIO C6  O1   doub N N 130 
NIO C6  O2   sing N N 131 
NIO O2  HO2  sing N N 132 
# 
_pdbx_audit_support.funding_organization   'Other private' 
_pdbx_audit_support.country                ? 
_pdbx_audit_support.grant_number           ? 
_pdbx_audit_support.ordinal                1 
# 
_pdbx_initial_refinement_model.id               1 
_pdbx_initial_refinement_model.entity_id_list   ? 
_pdbx_initial_refinement_model.type             other 
_pdbx_initial_refinement_model.source_name      Other 
_pdbx_initial_refinement_model.accession_code   ? 
_pdbx_initial_refinement_model.details          model 
# 
_space_group.name_H-M_alt     'P 21 2 21' 
_space_group.name_Hall        'P 2 2ab (y,z,x)' 
_space_group.IT_number        18 
_space_group.crystal_system   orthorhombic 
_space_group.id               1 
# 
_atom_sites.entry_id                    8GL4 
_atom_sites.Cartn_transf_matrix[1][1]   ? 
_atom_sites.Cartn_transf_matrix[1][2]   ? 
_atom_sites.Cartn_transf_matrix[1][3]   ? 
_atom_sites.Cartn_transf_matrix[2][1]   ? 
_atom_sites.Cartn_transf_matrix[2][2]   ? 
_atom_sites.Cartn_transf_matrix[2][3]   ? 
_atom_sites.Cartn_transf_matrix[3][1]   ? 
_atom_sites.Cartn_transf_matrix[3][2]   ? 
_atom_sites.Cartn_transf_matrix[3][3]   ? 
_atom_sites.Cartn_transf_vector[1]      ? 
_atom_sites.Cartn_transf_vector[2]      ? 
_atom_sites.Cartn_transf_vector[3]      ? 
_atom_sites.fract_transf_matrix[1][1]   -0.10201438 
_atom_sites.fract_transf_matrix[1][2]   -0.01612277 
_atom_sites.fract_transf_matrix[1][3]   0.04944901 
_atom_sites.fract_transf_matrix[2][1]   0.01443240 
_atom_sites.fract_transf_matrix[2][2]   0.04034513 
_atom_sites.fract_transf_matrix[2][3]   0.04292882 
_atom_sites.fract_transf_matrix[3][1]   -0.00691853 
_atom_sites.fract_transf_matrix[3][2]   0.01311284 
_atom_sites.fract_transf_matrix[3][3]   -0.00999767 
_atom_sites.fract_transf_vector[1]      0.061730 
_atom_sites.fract_transf_vector[2]      0.420277 
_atom_sites.fract_transf_vector[3]      0.155120 
_atom_sites.solution_primary            ? 
_atom_sites.solution_secondary          ? 
_atom_sites.solution_hydrogens          ? 
_atom_sites.special_details             ? 
# 
loop_
_atom_type.symbol 
_atom_type.scat_dispersion_real 
_atom_type.scat_dispersion_imag 
_atom_type.scat_Cromer_Mann_a1 
_atom_type.scat_Cromer_Mann_a2 
_atom_type.scat_Cromer_Mann_a3 
_atom_type.scat_Cromer_Mann_a4 
_atom_type.scat_Cromer_Mann_b1 
_atom_type.scat_Cromer_Mann_b2 
_atom_type.scat_Cromer_Mann_b3 
_atom_type.scat_Cromer_Mann_b4 
_atom_type.scat_Cromer_Mann_c 
_atom_type.scat_source 
_atom_type.scat_dispersion_source 
C ? ? 2.51340 1.74867 1.72398 ? 31.80534 0.44561  10.58317 ? 0.0 
;3-Gaussian fit: Grosse-Kunstleve RW, Sauter NK, Adams PD: Newsletter of the IUCr Commission on Crystallographic Computing 2004, 3, 22-31.
;
? 
H ? ? 0.53795 0.34799 0.11320 ? 10.08003 29.74760 2.57510  ? 0.0 
;3-Gaussian fit: Grosse-Kunstleve RW, Sauter NK, Adams PD: Newsletter of the IUCr Commission on Crystallographic Computing 2004, 3, 22-31.
;
? 
N ? ? 2.99955 2.25584 1.72788 ? 23.27268 7.45433  0.31622  ? 0.0 
;3-Gaussian fit: Grosse-Kunstleve RW, Sauter NK, Adams PD: Newsletter of the IUCr Commission on Crystallographic Computing 2004, 3, 22-31.
;
? 
O ? ? 3.21184 3.04156 1.73156 ? 18.83700 5.90590  0.24126  ? 0.0 
;3-Gaussian fit: Grosse-Kunstleve RW, Sauter NK, Adams PD: Newsletter of the IUCr Commission on Crystallographic Computing 2004, 3, 22-31.
;
? 
S ? ? 6.83013 6.13863 2.99358 ? 0.66409  30.18870 3.52397  ? 0.0 
;3-Gaussian fit: Grosse-Kunstleve RW, Sauter NK, Adams PD: Newsletter of the IUCr Commission on Crystallographic Computing 2004, 3, 22-31.
;
? 
# 
loop_
_atom_site.group_PDB 
_atom_site.id 
_atom_site.type_symbol 
_atom_site.label_atom_id 
_atom_site.label_alt_id 
_atom_site.label_comp_id 
_atom_site.label_asym_id 
_atom_site.label_entity_id 
_atom_site.label_seq_id 
_atom_site.pdbx_PDB_ins_code 
_atom_site.Cartn_x 
_atom_site.Cartn_y 
_atom_site.Cartn_z 
_atom_site.occupancy 
_atom_site.B_iso_or_equiv 
_atom_site.pdbx_formal_charge 
_atom_site.auth_seq_id 
_atom_site.auth_comp_id 
_atom_site.auth_asym_id 
_atom_site.auth_atom_id 
_atom_site.pdbx_PDB_model_num 
HETATM 1   N N    . NIO A 1 1  ? 1.42296  -8.00610 -4.07942  1.000 6.83479  ? 1   NIO A N    1 
HETATM 2   C C1   . NIO A 1 1  ? 0.92355  -6.77438 -4.02498  1.000 5.49694  ? 1   NIO A C1   1 
HETATM 3   C C2   . NIO A 1 1  ? 0.81283  -5.94882 -5.12816  1.000 3.98652  ? 1   NIO A C2   1 
HETATM 4   C C3   . NIO A 1 1  ? 1.23282  -6.44327 -6.35885  1.000 3.93548  ? 1   NIO A C3   1 
HETATM 5   C C4   . NIO A 1 1  ? 1.75730  -7.71808 -6.43350  1.000 4.82667  ? 1   NIO A C4   1 
HETATM 6   C C5   . NIO A 1 1  ? 1.82839  -8.45813 -5.27302  1.000 6.37595  ? 1   NIO A C5   1 
HETATM 7   C C6   . NIO A 1 1  ? 0.26758  -4.58217 -4.98307  1.000 3.83261  ? 1   NIO A C6   1 
HETATM 8   O O1   . NIO A 1 1  ? 0.55499  -3.88476 -3.97748  1.000 4.57393  ? 1   NIO A O1   1 
HETATM 9   H H1   . NIO A 1 1  ? 0.63370  -6.45151 -3.20238  1.000 6.60024  ? 1   NIO A H1   1 
HETATM 10  H H3   . NIO A 1 1  ? 1.16001  -5.92065 -7.12366  1.000 4.72648  ? 1   NIO A H3   1 
HETATM 11  H H4   . NIO A 1 1  ? 2.05404  -8.06729 -7.24354  1.000 5.79591  ? 1   NIO A H4   1 
HETATM 12  H H5   . NIO A 1 1  ? 2.17695  -9.31836 -5.32070  1.000 7.65505  ? 1   NIO A H5   1 
ATOM   13  N N    . LEU A 1 2  ? -0.52077 -4.06477 -6.00540  1.000 3.39650  ? 2   LEU A N    1 
ATOM   14  C CA   . LEU A 1 2  ? -0.88359 -2.67515 -5.97431  1.000 3.38432  ? 2   LEU A CA   1 
ATOM   15  C C    . LEU A 1 2  ? -1.68326 -2.26919 -4.72214  1.000 3.55074  ? 2   LEU A C    1 
ATOM   16  O O    . LEU A 1 2  ? -1.41440 -1.20825 -4.14805  1.000 3.94968  ? 2   LEU A O    1 
ATOM   17  C CB   . LEU A 1 2  ? -1.67523 -2.34135 -7.23697  1.000 3.53041  ? 2   LEU A CB   1 
ATOM   18  C CG   . LEU A 1 2  ? -0.82725 -2.34675 -8.51591  1.000 3.70171  ? 2   LEU A CG   1 
ATOM   19  C CD1  . LEU A 1 2  ? -1.70248 -2.53674 -9.75130  1.000 4.48977  ? 2   LEU A CD1  1 
ATOM   20  C CD2  . LEU A 1 2  ? -0.01293 -1.06127 -8.63293  1.000 4.72020  ? 2   LEU A CD2  1 
ATOM   21  H HA   . LEU A 1 2  ? -0.06945 -2.14934 -5.94108  1.000 4.06509  ? 2   LEU A HA   1 
ATOM   22  H HB2  . LEU A 1 2  ? -2.38047 -2.99776 -7.34516  1.000 4.24039  ? 2   LEU A HB2  1 
ATOM   23  H HB3  . LEU A 1 2  ? -2.05852 -1.45583 -7.13923  1.000 4.24039  ? 2   LEU A HB3  1 
ATOM   24  H HG   . LEU A 1 2  ? -0.20875 -3.09240 -8.46954  1.000 4.44596  ? 2   LEU A HG   1 
ATOM   25  H HD11 . LEU A 1 2  ? -1.14565 -2.48831 -10.54352 1.000 5.39163  ? 2   LEU A HD11 1 
ATOM   26  H HD12 . LEU A 1 2  ? -2.13355 -3.40369 -9.70292  1.000 5.39163  ? 2   LEU A HD12 1 
ATOM   27  H HD13 . LEU A 1 2  ? -2.37248 -1.83478 -9.77460  1.000 5.39163  ? 2   LEU A HD13 1 
ATOM   28  H HD21 . LEU A 1 2  ? 0.50424  -1.08918 -9.45311  1.000 5.66815  ? 2   LEU A HD21 1 
ATOM   29  H HD22 . LEU A 1 2  ? -0.61839 -0.30460 -8.64882  1.000 5.66815  ? 2   LEU A HD22 1 
ATOM   30  H HD23 . LEU A 1 2  ? 0.58238  -0.99397 -7.86914  1.000 5.66815  ? 2   LEU A HD23 1 
HETATM 31  N N    . AIB A 1 3  ? -2.66106 -3.08823 -4.32022  1.000 3.40760  ? 3   AIB A N    1 
HETATM 32  C CA   . AIB A 1 3  ? -3.51369 -2.76529 -3.17426  1.000 3.44265  ? 3   AIB A CA   1 
HETATM 33  C C    . AIB A 1 3  ? -2.63019 -2.63852 -1.90768  1.000 3.41029  ? 3   AIB A C    1 
HETATM 34  O O    . AIB A 1 3  ? -2.73704 -1.70612 -1.10625  1.000 3.68150  ? 3   AIB A O    1 
HETATM 35  C CB1  . AIB A 1 3  ? -4.28013 -1.46050 -3.42228  1.000 3.74988  ? 3   AIB A CB1  1 
HETATM 36  C CB2  . AIB A 1 3  ? -4.53081 -3.89846 -2.94429  1.000 3.61804  ? 3   AIB A CB2  1 
HETATM 37  H H    . AIB A 1 3  ? -2.68305 -4.07243 -4.50123  1.000 4.09302  ? 3   AIB A H    1 
HETATM 38  H HB11 . AIB A 1 3  ? -5.14898 -1.39549 -2.72502  1.000 4.50376  ? 3   AIB A HB11 1 
HETATM 39  H HB12 . AIB A 1 3  ? -3.60443 -0.58888 -3.24927  1.000 4.50376  ? 3   AIB A HB12 1 
HETATM 40  H HB13 . AIB A 1 3  ? -4.64955 -1.43514 -4.47484  1.000 4.50376  ? 3   AIB A HB13 1 
HETATM 41  H HB21 . AIB A 1 3  ? -5.24132 -3.59357 -2.13857  1.000 4.34555  ? 3   AIB A HB21 1 
HETATM 42  H HB22 . AIB A 1 3  ? -5.08904 -4.08587 -3.89307  1.000 4.34555  ? 3   AIB A HB22 1 
HETATM 43  H HB23 . AIB A 1 3  ? -3.98250 -4.82227 -2.63767  1.000 4.34555  ? 3   AIB A HB23 1 
ATOM   44  N N    . ALA A 1 4  ? -1.74592 -3.62051 -1.73279  1.000 3.60102  ? 4   ALA A N    1 
ATOM   45  C CA   . ALA A 1 4  ? -0.87960 -3.63211 -0.56068  1.000 4.37813  ? 4   ALA A CA   1 
ATOM   46  C C    . ALA A 1 4  ? 0.08678  -2.45735 -0.56683  1.000 4.39396  ? 4   ALA A C    1 
ATOM   47  O O    . ALA A 1 4  ? 0.44010  -1.93729 0.49143   1.000 4.98283  ? 4   ALA A O    1 
ATOM   48  C CB   . ALA A 1 4  ? -0.10672 -4.93447 -0.48384  1.000 5.92605  ? 4   ALA A CB   1 
ATOM   49  H H    . ALA A 1 4  ? -1.63181 -4.28031 -2.27290  1.000 4.32513  ? 4   ALA A H    1 
ATOM   50  H HA   . ALA A 1 4  ? -1.43733 -3.55659 0.22840   1.000 5.25765  ? 4   ALA A HA   1 
ATOM   51  H HB1  . ALA A 1 4  ? 0.48519  -4.90581 0.28349   1.000 7.11516  ? 4   ALA A HB1  1 
ATOM   52  H HB2  . ALA A 1 4  ? -0.73487 -5.66838 -0.39109  1.000 7.11516  ? 4   ALA A HB2  1 
ATOM   53  H HB3  . ALA A 1 4  ? 0.41069  -5.04314 -1.29743  1.000 7.11516  ? 4   ALA A HB3  1 
ATOM   54  N N    A CYS A 1 5  ? 0.59853  -2.07530 -1.75776  0.769 4.09959  ? 5   CYS A N    1 
ATOM   55  N N    B CYS A 1 5  ? 0.54405  -2.06677 -1.74464  0.231 4.00753  ? 5   CYS A N    1 
ATOM   56  C CA   A CYS A 1 5  ? 1.45137  -0.87859 -1.88908  0.769 4.36343  ? 5   CYS A CA   1 
ATOM   57  C CA   B CYS A 1 5  ? 1.50090  -1.00093 -1.78511  0.231 4.17127  ? 5   CYS A CA   1 
ATOM   58  C C    A CYS A 1 5  ? 0.75388  0.32900  -1.30173  0.769 4.21918  ? 5   CYS A C    1 
ATOM   59  C C    B CYS A 1 5  ? 0.77541  0.33298  -1.35791  0.231 3.88901  ? 5   CYS A C    1 
ATOM   60  O O    A CYS A 1 5  ? 1.31630  1.07592  -0.49306  0.769 5.17718  ? 5   CYS A O    1 
ATOM   61  O O    B CYS A 1 5  ? 1.33533  1.08050  -0.58429  0.231 3.92146  ? 5   CYS A O    1 
ATOM   62  C CB   A CYS A 1 5  ? 1.76805  -0.57038 -3.37455  0.769 4.02973  ? 5   CYS A CB   1 
ATOM   63  C CB   B CYS A 1 5  ? 2.29111  -1.24474 -3.09889  0.231 4.00465  ? 5   CYS A CB   1 
ATOM   64  S SG   A CYS A 1 5  ? 2.48146  1.09932  -3.72267  0.769 4.53614  ? 5   CYS A SG   1 
ATOM   65  S SG   B CYS A 1 5  ? 3.38892  -2.75870 -3.07372  0.231 3.77647  ? 5   CYS A SG   1 
ATOM   66  H H    A CYS A 1 5  ? 0.46694  -2.49112 -2.49826  0.769 4.92341  ? 5   CYS A H    1 
ATOM   67  H H    B CYS A 1 5  ? 0.12063  -2.16580 -2.48835  0.231 4.81294  ? 5   CYS A H    1 
ATOM   68  H HA   A CYS A 1 5  ? 2.28369  -1.06012 -1.42608  0.769 5.24002  ? 5   CYS A HA   1 
ATOM   69  H HA   B CYS A 1 5  ? 2.15401  -1.16837 -1.07588  0.231 5.00943  ? 5   CYS A HA   1 
ATOM   70  H HB2  A CYS A 1 5  ? 2.40926  -1.22654 -3.68979  0.769 4.83958  ? 5   CYS A HB2  1 
ATOM   71  H HB2  B CYS A 1 5  ? 1.65274  -1.35389 -3.82158  0.231 4.80948  ? 5   CYS A HB2  1 
ATOM   72  H HB3  A CYS A 1 5  ? 0.94429  -0.64142 -3.88141  0.769 4.83958  ? 5   CYS A HB3  1 
ATOM   73  H HB3  B CYS A 1 5  ? 2.85077  -0.47221 -3.26707  0.231 4.80948  ? 5   CYS A HB3  1 
ATOM   74  H HG   A CYS A 1 5  ? 2.79802  1.15578  -4.87825  0.769 5.44727  ? 5   CYS A HG   1 
ATOM   75  N N    . LEU A 1 6  ? -0.45364 0.57694  -1.79002  1.000 4.12944  ? 6   LEU A N    1 
ATOM   76  C CA   . LEU A 1 6  ? -1.21512 1.72780  -1.31150  1.000 4.30488  ? 6   LEU A CA   1 
ATOM   77  C C    . LEU A 1 6  ? -1.38201 1.68226  0.20736   1.000 4.09775  ? 6   LEU A C    1 
ATOM   78  O O    . LEU A 1 6  ? -1.18287 2.68282  0.90968   1.000 4.60644  ? 6   LEU A O    1 
ATOM   79  C CB   . LEU A 1 6  ? -2.58209 1.73260  -2.00655  1.000 4.46377  ? 6   LEU A CB   1 
ATOM   80  C CG   . LEU A 1 6  ? -3.58480 2.79092  -1.57189  1.000 4.59629  ? 6   LEU A CG   1 
ATOM   81  C CD1  . LEU A 1 6  ? -3.04346 4.21249  -1.75613  1.000 5.13827  ? 6   LEU A CD1  1 
ATOM   82  C CD2  . LEU A 1 6  ? -4.86660 2.59914  -2.36373  1.000 5.69534  ? 6   LEU A CD2  1 
ATOM   83  H H    . LEU A 1 6  ? -0.84855 0.10299  -2.38876  0.700 4.95923  ? 6   LEU A H    1 
ATOM   84  H HA   . LEU A 1 6  ? -0.74523 2.54706  -1.53156  1.000 5.16976  ? 6   LEU A HA   1 
ATOM   85  H HB2  . LEU A 1 6  ? -2.43174 1.85961  -2.95637  1.000 5.36042  ? 6   LEU A HB2  1 
ATOM   86  H HB3  . LEU A 1 6  ? -2.99716 0.86942  -1.84982  1.000 5.36042  ? 6   LEU A HB3  1 
ATOM   87  H HG   . LEU A 1 6  ? -3.76259 2.69048  -0.62368  1.000 5.51945  ? 6   LEU A HG   1 
ATOM   88  H HD11 . LEU A 1 6  ? -3.73418 4.84696  -1.50841  1.000 6.16983  ? 6   LEU A HD11 1 
ATOM   89  H HD12 . LEU A 1 6  ? -2.26667 4.33057  -1.18726  1.000 6.16983  ? 6   LEU A HD12 1 
ATOM   90  H HD13 . LEU A 1 6  ? -2.79636 4.33829  -2.68507  1.000 6.16983  ? 6   LEU A HD13 1 
ATOM   91  H HD21 . LEU A 1 6  ? -5.58235 3.08658  -1.92844  1.000 6.83832  ? 6   LEU A HD21 1 
ATOM   92  H HD22 . LEU A 1 6  ? -4.73542 2.93688  -3.26356  1.000 6.83832  ? 6   LEU A HD22 1 
ATOM   93  H HD23 . LEU A 1 6  ? -5.07976 1.65363  -2.39390  1.000 6.83832  ? 6   LEU A HD23 1 
ATOM   94  N N    . CYS A 1 7  ? -1.75505 0.50437  0.71638   1.000 4.13700  ? 7   CYS A N    1 
ATOM   95  C CA   . CYS A 1 7  ? -2.01054 0.34969  2.13730   1.000 4.31769  ? 7   CYS A CA   1 
ATOM   96  C C    . CYS A 1 7  ? -0.75232 0.63583  2.95294   1.000 3.87941  ? 7   CYS A C    1 
ATOM   97  O O    . CYS A 1 7  ? -0.77544 1.39625  3.93588   1.000 4.42169  ? 7   CYS A O    1 
ATOM   98  C CB   . CYS A 1 7  ? -2.50541 -1.08280 2.36986   1.000 4.82081  ? 7   CYS A CB   1 
ATOM   99  S SG   . CYS A 1 7  ? -2.90354 -1.44130 4.08540   1.000 6.20248  ? 7   CYS A SG   1 
ATOM   100 H H    . CYS A 1 7  ? -1.86499 -0.21439 0.25754   1.000 4.96830  ? 7   CYS A H    1 
ATOM   101 H HA   . CYS A 1 7  ? -2.69089 0.97603  2.43156   1.000 5.18513  ? 7   CYS A HA   1 
ATOM   102 H HB2  . CYS A 1 7  ? -3.30735 -1.22588 1.84284   1.000 5.78887  ? 7   CYS A HB2  1 
ATOM   103 H HB3  . CYS A 1 7  ? -1.81121 -1.70138 2.09050   1.000 5.78887  ? 7   CYS A HB3  1 
ATOM   104 H HG   . CYS A 1 7  ? -3.21061 -2.59762 4.18177   1.000 7.44688  ? 7   CYS A HG   1 
ATOM   105 N N    A GLN A 1 8  ? 0.35282  0.01359  2.56147   0.598 4.02930  ? 8   GLN A N    1 
ATOM   106 N N    B GLN A 1 8  ? 0.35601  0.03404  2.55389   0.402 3.28429  ? 8   GLN A N    1 
ATOM   107 C CA   A GLN A 1 8  ? 1.58244  0.15478  3.31949   0.598 5.07528  ? 8   GLN A CA   1 
ATOM   108 C CA   B GLN A 1 8  ? 1.56860  0.16075  3.33689   0.402 2.85706  ? 8   GLN A CA   1 
ATOM   109 C C    A GLN A 1 8  ? 2.14490  1.57554  3.21793   0.598 3.73798  ? 8   GLN A C    1 
ATOM   110 C C    B GLN A 1 8  ? 2.19398  1.55511  3.20367   0.402 2.79341  ? 8   GLN A C    1 
ATOM   111 O O    A GLN A 1 8  ? 2.60727  2.12358  4.22312   0.598 3.86933  ? 8   GLN A O    1 
ATOM   112 O O    B GLN A 1 8  ? 2.75458  2.06691  4.17741   0.402 2.91338  ? 8   GLN A O    1 
ATOM   113 C CB   A GLN A 1 8  ? 2.62639  -0.86527 2.86892   0.598 8.09936  ? 8   GLN A CB   1 
ATOM   114 C CB   B GLN A 1 8  ? 2.55241  -0.94374 2.94776   0.402 3.21200  ? 8   GLN A CB   1 
ATOM   115 C CG   A GLN A 1 8  ? 3.90979  -0.77959 3.68504   0.598 11.86492 ? 8   GLN A CG   1 
ATOM   116 C CG   B GLN A 1 8  ? 2.07335  -2.34279 3.31877   0.402 6.16000  ? 8   GLN A CG   1 
ATOM   117 C CD   A GLN A 1 8  ? 3.66594  -1.07260 5.15435   0.598 15.60714 ? 8   GLN A CD   1 
ATOM   118 C CD   B GLN A 1 8  ? 1.75503  -2.48129 4.79365   0.402 9.79710  ? 8   GLN A CD   1 
ATOM   119 O OE1  A GLN A 1 8  ? 3.33368  -2.19862 5.51895   0.598 18.74917 ? 8   GLN A OE1  1 
ATOM   120 O OE1  B GLN A 1 8  ? 0.63786  -2.84343 5.17048   0.402 11.23259 ? 8   GLN A OE1  1 
ATOM   121 N NE2  A GLN A 1 8  ? 3.76386  -0.04460 5.99489   0.598 15.33871 ? 8   GLN A NE2  1 
ATOM   122 N NE2  B GLN A 1 8  ? 2.72657  -2.16935 5.63762   0.402 11.47843 ? 8   GLN A NE2  1 
ATOM   123 H H    A GLN A 1 8  ? 0.41253  -0.49116 1.86707   0.598 4.83906  ? 8   GLN A H    1 
ATOM   124 H H    B GLN A 1 8  ? 0.42896  -0.44549 1.84406   0.402 3.94505  ? 8   GLN A H    1 
ATOM   125 H HA   A GLN A 1 8  ? 1.38782  -0.01883 4.25311   0.598 6.09424  ? 8   GLN A HA   1 
ATOM   126 H HA   B GLN A 1 8  ? 1.36039  0.05216  4.27756   0.402 3.43238  ? 8   GLN A HA   1 
ATOM   127 H HB2  A GLN A 1 8  ? 2.26230  -1.75863 2.97046   0.598 9.72313  ? 8   GLN A HB2  1 
ATOM   128 H HB2  B GLN A 1 8  ? 2.68431  -0.91974 1.98649   0.402 3.85830  ? 8   GLN A HB2  1 
ATOM   129 H HB3  A GLN A 1 8  ? 2.84881  -0.70190 1.93839   0.598 9.72313  ? 8   GLN A HB3  1 
ATOM   130 H HB3  B GLN A 1 8  ? 3.39443  -0.78723 3.40206   0.402 3.85830  ? 8   GLN A HB3  1 
ATOM   131 H HG2  A GLN A 1 8  ? 4.54703  -1.42881 3.34766   0.598 14.24181 ? 8   GLN A HG2  1 
ATOM   132 H HG2  B GLN A 1 8  ? 1.26735  -2.54481 2.81742   0.402 7.39590  ? 8   GLN A HG2  1 
ATOM   133 H HG3  A GLN A 1 8  ? 4.27705  0.11474  3.61120   0.598 14.24181 ? 8   GLN A HG3  1 
ATOM   134 H HG3  B GLN A 1 8  ? 2.76834  -2.98356 3.10097   0.402 7.39590  ? 8   GLN A HG3  1 
ATOM   135 H HE21 A GLN A 1 8  ? 3.95732  0.73865  5.69532   0.598 18.41035 ? 8   GLN A HE21 1 
ATOM   136 H HE21 B GLN A 1 8  ? 3.48795  -1.90480 5.33789   0.402 13.77802 ? 8   GLN A HE21 1 
ATOM   137 H HE22 A GLN A 1 8  ? 3.63378  -0.16295 6.83652   0.598 18.41035 ? 8   GLN A HE22 1 
ATOM   138 H HE22 B GLN A 1 8  ? 2.59623  -2.23119 6.48557   0.402 13.77802 ? 8   GLN A HE22 1 
HETATM 139 N N    . AIB A 1 9  ? 2.05667  2.18850  2.03855   1.000 3.25264  ? 9   AIB A N    1 
HETATM 140 C CA   . AIB A 1 9  ? 2.57366  3.54415  1.83120   1.000 3.26370  ? 9   AIB A CA   1 
HETATM 141 C C    . AIB A 1 9  ? 1.91068  4.49237  2.86830   1.000 3.24720  ? 9   AIB A C    1 
HETATM 142 O O    . AIB A 1 9  ? 2.52580  5.42488  3.38310   1.000 3.46917  ? 9   AIB A O    1 
HETATM 143 C CB1  . AIB A 1 9  ? 4.09561  3.61946  1.94814   1.000 3.56446  ? 9   AIB A CB1  1 
HETATM 144 C CB2  . AIB A 1 9  ? 2.12441  4.04278  0.44405   1.000 3.67331  ? 9   AIB A CB2  1 
HETATM 145 H H    . AIB A 1 9  ? 1.37721  1.96679  1.33796   0.469 3.90707  ? 9   AIB A H    1 
HETATM 146 H HB11 . AIB A 1 9  ? 4.42262  4.68677  1.92871   1.000 4.28126  ? 9   AIB A HB11 1 
HETATM 147 H HB12 . AIB A 1 9  ? 4.42373  3.15216  2.90573   1.000 4.28126  ? 9   AIB A HB12 1 
HETATM 148 H HB13 . AIB A 1 9  ? 4.56568  3.07598  1.09425   1.000 4.28126  ? 9   AIB A HB13 1 
HETATM 149 H HB21 . AIB A 1 9  ? 2.48779  5.08879  0.29818   1.000 4.41187  ? 9   AIB A HB21 1 
HETATM 150 H HB22 . AIB A 1 9  ? 2.55795  3.37644  -0.34001  1.000 4.41187  ? 9   AIB A HB22 1 
HETATM 151 H HB23 . AIB A 1 9  ? 1.00864  4.01676  0.39149   1.000 4.41187  ? 9   AIB A HB23 1 
ATOM   152 N N    . LEU A 1 10 ? 0.62105  4.22272  3.14414   1.000 3.32696  ? 10  LEU A N    1 
ATOM   153 C CA   . LEU A 1 10 ? -0.17443 5.01490  4.07007   1.000 3.44932  ? 10  LEU A CA   1 
ATOM   154 C C    . LEU A 1 10 ? -0.10612 4.50735  5.51596   1.000 3.71413  ? 10  LEU A C    1 
ATOM   155 O O    . LEU A 1 10 ? -0.93125 4.82917  6.35703   1.000 4.63018  ? 10  LEU A O    1 
ATOM   156 C CB   . LEU A 1 10 ? -1.62784 5.04119  3.60431   1.000 3.50764  ? 10  LEU A CB   1 
ATOM   157 C CG   . LEU A 1 10 ? -1.86215 5.85736  2.33109   1.000 4.17783  ? 10  LEU A CG   1 
ATOM   158 C CD1  . LEU A 1 10 ? -3.24767 5.56701  1.78404   1.000 5.10645  ? 10  LEU A CD1  1 
ATOM   159 C CD2  . LEU A 1 10 ? -1.69201 7.34827  2.58232   1.000 5.39731  ? 10  LEU A CD2  1 
ATOM   160 H H    . LEU A 1 10 ? 0.18414  3.56983  2.79408   1.000 3.99626  ? 10  LEU A H    1 
ATOM   161 H HA   . LEU A 1 10 ? 0.18657  5.91491  4.07777   1.000 4.14309  ? 10  LEU A HA   1 
ATOM   162 H HB2  . LEU A 1 10 ? -1.91274 4.13071  3.42828   1.000 4.21307  ? 10  LEU A HB2  1 
ATOM   163 H HB3  . LEU A 1 10 ? -2.17075 5.42910  4.30815   1.000 4.21307  ? 10  LEU A HB3  1 
ATOM   164 H HG   . LEU A 1 10 ? -1.20051 5.60128  1.66972   1.000 5.01730  ? 10  LEU A HG   1 
ATOM   165 H HD11 . LEU A 1 10 ? -3.37945 6.07853  0.97036   1.000 6.13164  ? 10  LEU A HD11 1 
ATOM   166 H HD12 . LEU A 1 10 ? -3.31939 4.61861  1.59317   1.000 6.13164  ? 10  LEU A HD12 1 
ATOM   167 H HD13 . LEU A 1 10 ? -3.90892 5.82236  2.44597   1.000 6.13164  ? 10  LEU A HD13 1 
ATOM   168 H HD21 . LEU A 1 10 ? -1.96779 7.83573  1.79022   1.000 6.48068  ? 10  LEU A HD21 1 
ATOM   169 H HD22 . LEU A 1 10 ? -2.24212 7.60692  3.33801   1.000 6.48068  ? 10  LEU A HD22 1 
ATOM   170 H HD23 . LEU A 1 10 ? -0.75864 7.53088  2.77510   1.000 6.48068  ? 10  LEU A HD23 1 
HETATM 171 C C11  . I77 A 1 11 ? 1.49652  1.65482  9.42979   1.000 4.84519  ? 11  I77 A C11  1 
HETATM 172 C C12  . I77 A 1 11 ? 1.31932  3.04079  9.41886   1.000 4.02383  ? 11  I77 A C12  1 
HETATM 173 C C13  . I77 A 1 11 ? 1.45113  3.85194  8.16291   1.000 3.61773  ? 11  I77 A C13  1 
HETATM 174 C C17  . I77 A 1 11 ? 0.97188  3.70533  10.59529  1.000 4.54737  ? 11  I77 A C17  1 
HETATM 175 C C18  . I77 A 1 11 ? 0.80840  2.95285  11.75871  1.000 5.29279  ? 11  I77 A C18  1 
HETATM 176 C C02  . I77 A 1 11 ? 0.09505  -1.54259 16.40285  1.000 10.73627 ? 11  I77 A C02  1 
HETATM 177 C C03  . I77 A 1 11 ? 0.35075  -0.68830 15.14101  1.000 9.36567  ? 11  I77 A C03  1 
HETATM 178 C C04  . I77 A 1 11 ? 0.74334  0.62999  15.30165  1.000 9.29845  ? 11  I77 A C04  1 
HETATM 179 C C05  . I77 A 1 11 ? 0.96318  1.38404  14.15314  1.000 7.79014  ? 11  I77 A C05  1 
HETATM 180 C C06  . I77 A 1 11 ? 0.17598  -1.27178 13.84919  1.000 9.24710  ? 11  I77 A C06  1 
HETATM 181 C C08  . I77 A 1 11 ? 0.79206  0.77694  12.91903  1.000 6.70833  ? 11  I77 A C08  1 
HETATM 182 C C09  . I77 A 1 11 ? 1.00548  1.56829  11.70229  1.000 5.52350  ? 11  I77 A C09  1 
HETATM 183 N N01  . I77 A 1 11 ? -0.50576 -2.82870 16.23534  1.000 10.75793 ? 11  I77 A N01  1 
HETATM 184 N N07  . I77 A 1 11 ? 0.39414  -0.52249 12.79755  1.000 8.42897  ? 11  I77 A N07  1 
HETATM 185 N N10  . I77 A 1 11 ? 1.32651  0.94802  10.58073  1.000 5.37867  ? 11  I77 A N10  1 
HETATM 186 N N14  . I77 A 1 11 ? 1.04751  3.11424  7.03646   1.000 4.13865  ? 11  I77 A N14  1 
HETATM 187 N N15  . I77 A 1 11 ? 1.04099  3.73262  5.80049   1.000 4.18827  ? 11  I77 A N15  1 
HETATM 188 O O16  . I77 A 1 11 ? 1.80657  4.98095  8.12962   1.000 3.74410  ? 11  I77 A O16  1 
HETATM 189 O O19  . I77 A 1 11 ? 0.38979  -1.10869 17.50668  1.000 13.42462 ? 11  I77 A O19  1 
HETATM 190 H H111 . I77 A 1 11 ? 1.78464  1.11119  8.46909   1.000 5.81814  ? 11  I77 A H111 1 
HETATM 191 H H171 . I77 A 1 11 ? 0.83263  4.77924  10.60490  1.000 5.46075  ? 11  I77 A H171 1 
HETATM 192 H H181 . I77 A 1 11 ? 0.53404  3.43383  12.69030  1.000 6.35525  ? 11  I77 A H181 1 
HETATM 193 H H041 . I77 A 1 11 ? 0.87579  1.06082  16.29197  1.000 11.16204 ? 11  I77 A H041 1 
HETATM 194 H H051 . I77 A 1 11 ? 1.24679  2.37110  14.21947  1.000 9.35207  ? 11  I77 A H051 1 
HETATM 195 H H061 . I77 A 1 11 ? -0.12764 -2.29887 13.74242  1.000 11.10042 ? 11  I77 A H061 1 
HETATM 196 H H011 . I77 A 1 11 ? -0.67256 -3.38556 17.06202  1.000 12.91342 ? 11  I77 A H011 1 
HETATM 197 H H012 . I77 A 1 11 ? -0.75051 -3.18208 15.31878  1.000 12.91342 ? 11  I77 A H012 1 
HETATM 198 H H141 . I77 A 1 11 ? 0.77277  2.16450  7.12563   1.000 4.97029  ? 11  I77 A H141 1 
HETATM 199 H H1   . I77 A 1 11 ? 1.18729  3.03972  5.06590   1.000 5.02983  ? 11  I77 A H1   1 
HETATM 200 N N    A CCN B 2 .  ? 3.73040  -3.17339 -3.03474  0.899 22.55463 ? 201 CCN A N    1 
HETATM 201 C C1   A CCN B 2 .  ? 3.71248  -3.49518 -1.95626  0.899 22.09859 ? 201 CCN A C1   1 
HETATM 202 C C2   A CCN B 2 .  ? 3.68357  -4.00141 -0.47893  0.899 22.47642 ? 201 CCN A C2   1 
HETATM 203 H H21  A CCN B 2 .  ? 2.80616  -4.39196 0.02202   0.899 26.97561 ? 201 CCN A H21  1 
HETATM 204 H H22  A CCN B 2 .  ? 4.28348  -4.81775 -0.09567  0.899 26.97561 ? 201 CCN A H22  1 
HETATM 205 H H23  A CCN B 2 .  ? 3.92724  -3.39661 0.38537   0.899 26.97561 ? 201 CCN A H23  1 
HETATM 206 O O    . HOH C 3 .  ? -1.45179 -4.23652 14.09556  1.000 26.19331 ? 301 HOH A O    1 
HETATM 207 O O    . HOH C 3 .  ? -0.45678 0.78982  6.69040   1.000 6.60979  ? 302 HOH A O    1 
HETATM 208 O O    . HOH C 3 .  ? 1.41046  -1.82239 9.85989   1.000 28.45878 ? 303 HOH A O    1 
HETATM 209 O O    . HOH C 3 .  ? -0.39167 -1.70957 7.95497   1.000 33.03879 ? 304 HOH A O    1 
HETATM 210 O O    . HOH C 3 .  ? 3.43935  0.34366  17.80383  1.000 33.99255 ? 305 HOH A O    1 
# 
loop_
_atom_site_anisotrop.id 
_atom_site_anisotrop.type_symbol 
_atom_site_anisotrop.pdbx_label_atom_id 
_atom_site_anisotrop.pdbx_label_alt_id 
_atom_site_anisotrop.pdbx_label_comp_id 
_atom_site_anisotrop.pdbx_label_asym_id 
_atom_site_anisotrop.pdbx_label_seq_id 
_atom_site_anisotrop.pdbx_PDB_ins_code 
_atom_site_anisotrop.U[1][1] 
_atom_site_anisotrop.U[2][2] 
_atom_site_anisotrop.U[3][3] 
_atom_site_anisotrop.U[1][2] 
_atom_site_anisotrop.U[1][3] 
_atom_site_anisotrop.U[2][3] 
_atom_site_anisotrop.pdbx_auth_seq_id 
_atom_site_anisotrop.pdbx_auth_comp_id 
_atom_site_anisotrop.pdbx_auth_asym_id 
_atom_site_anisotrop.pdbx_auth_atom_id 
1   N N   . NIO A 1  ? 0.05861 0.09798 0.10310 0.01464  0.00912  0.04741  1   NIO A N   
2   C C1  . NIO A 1  ? 0.04841 0.09699 0.06347 0.02348  0.01628  0.02879  1   NIO A C1  
3   C C2  . NIO A 1  ? 0.03211 0.07267 0.04667 0.00670  0.00903  0.01100  1   NIO A C2  
4   C C3  . NIO A 1  ? 0.03388 0.06233 0.05332 0.00749  0.00252  0.00289  1   NIO A C3  
5   C C4  . NIO A 1  ? 0.03911 0.05780 0.08649 0.01200  -0.00347 0.00401  1   NIO A C4  
6   C C5  . NIO A 1  ? 0.04811 0.07148 0.12267 0.00714  -0.00194 0.03267  1   NIO A C5  
7   C C6  . NIO A 1  ? 0.03210 0.07480 0.03872 0.00615  0.00489  0.00287  1   NIO A C6  
8   O O1  . NIO A 1  ? 0.04216 0.08885 0.04278 0.01849  -0.00152 -0.00507 1   NIO A O1  
13  N N   . LEU A 2  ? 0.03229 0.05998 0.03680 -0.00062 0.00717  0.00241  2   LEU A N   
14  C CA  . LEU A 2  ? 0.02902 0.05674 0.04283 -0.00246 0.00697  0.00093  2   LEU A CA  
15  C C   . LEU A 2  ? 0.03386 0.05756 0.04349 -0.00322 0.00564  -0.00269 2   LEU A C   
16  O O   . LEU A 2  ? 0.03843 0.05977 0.05188 -0.00751 0.00963  -0.00587 2   LEU A O   
17  C CB  . LEU A 2  ? 0.03188 0.05543 0.04683 -0.00343 0.00495  0.00310  2   LEU A CB  
18  C CG  . LEU A 2  ? 0.03938 0.05653 0.04473 -0.00599 0.00913  0.00719  2   LEU A CG  
19  C CD1 . LEU A 2  ? 0.05554 0.06718 0.04788 -0.00348 0.00099  0.01005  2   LEU A CD1 
20  C CD2 . LEU A 2  ? 0.05366 0.06181 0.06388 -0.01157 0.00410  0.01540  2   LEU A CD2 
31  N N   . AIB A 3  ? 0.03116 0.05369 0.04463 -0.00211 0.00773  -0.00087 3   AIB A N   
32  C CA  . AIB A 3  ? 0.02873 0.05573 0.04634 -0.00118 0.00765  0.00008  3   AIB A CA  
33  C C   . AIB A 3  ? 0.02910 0.05607 0.04440 -0.00283 0.01016  0.00008  3   AIB A C   
34  O O   . AIB A 3  ? 0.03461 0.05735 0.04791 -0.00098 0.00961  -0.00195 3   AIB A O   
35  C CB1 . AIB A 3  ? 0.03014 0.05683 0.05551 0.00267  0.00210  0.00044  3   AIB A CB1 
36  C CB2 . AIB A 3  ? 0.03020 0.05531 0.05196 -0.00235 0.00887  0.00052  3   AIB A CB2 
44  N N   . ALA A 4  ? 0.03219 0.06259 0.04203 0.00261  0.00513  -0.00293 4   ALA A N   
45  C CA  . ALA A 4  ? 0.04349 0.07496 0.04790 0.00821  -0.00001 -0.00487 4   ALA A CA  
46  C C   . ALA A 4  ? 0.03539 0.07961 0.05195 0.00653  0.00291  -0.01373 4   ALA A C   
47  O O   . ALA A 4  ? 0.04451 0.09098 0.05384 0.00549  -0.00059 -0.01578 4   ALA A O   
48  C CB  . ALA A 4  ? 0.07255 0.07973 0.07288 0.01981  -0.02134 -0.00340 4   ALA A CB  
54  N N   A CYS A 5  ? 0.02693 0.07574 0.05310 -0.00068 0.00355  -0.01458 5   CYS A N   
55  N N   B CYS A 5  ? 0.03533 0.07441 0.04252 0.00386  0.00816  -0.01591 5   CYS A N   
56  C CA  A CYS A 5  ? 0.03384 0.07903 0.05292 -0.00562 0.00600  -0.00311 5   CYS A CA  
57  C CA  B CYS A 5  ? 0.04333 0.07371 0.04144 -0.00120 0.00680  -0.01045 5   CYS A CA  
58  C C   A CYS A 5  ? 0.04192 0.07640 0.04199 -0.01870 0.01089  0.00612  5   CYS A C   
59  C C   B CYS A 5  ? 0.04328 0.06910 0.03539 -0.01789 0.01110  0.00110  5   CYS A C   
60  O O   A CYS A 5  ? 0.06089 0.07799 0.05783 -0.02475 -0.01233 0.00477  5   CYS A O   
61  O O   B CYS A 5  ? 0.04787 0.06743 0.03369 -0.02345 0.01116  0.00512  5   CYS A O   
62  C CB  A CYS A 5  ? 0.03531 0.06451 0.05329 -0.00140 0.01816  0.00083  5   CYS A CB  
63  C CB  B CYS A 5  ? 0.03165 0.06731 0.05320 -0.00094 0.00889  -0.00773 5   CYS A CB  
64  S SG  A CYS A 5  ? 0.05059 0.06189 0.05988 -0.00189 0.02071  0.00927  5   CYS A SG  
65  S SG  B CYS A 5  ? 0.02973 0.06233 0.05143 -0.00247 0.01951  -0.00154 5   CYS A SG  
75  N N   . LEU A 6  ? 0.04618 0.06915 0.04157 -0.01891 0.00467  0.00521  6   LEU A N   
76  C CA  . LEU A 6  ? 0.05383 0.06439 0.04534 -0.01854 0.00031  0.00863  6   LEU A CA  
77  C C   . LEU A 6  ? 0.04341 0.06768 0.04460 -0.01662 0.00220  0.00700  6   LEU A C   
78  O O   . LEU A 6  ? 0.05930 0.06336 0.05236 -0.01317 -0.00076 0.00162  6   LEU A O   
79  C CB  . LEU A 6  ? 0.05734 0.06371 0.04854 -0.01424 -0.00305 0.00945  6   LEU A CB  
80  C CG  . LEU A 6  ? 0.05950 0.06421 0.05092 -0.01008 -0.00055 0.00848  6   LEU A CG  
81  C CD1 . LEU A 6  ? 0.07649 0.05977 0.05897 -0.00534 0.00471  0.00740  6   LEU A CD1 
82  C CD2 . LEU A 6  ? 0.07383 0.07083 0.07173 -0.00712 -0.01562 0.01292  6   LEU A CD2 
94  N N   . CYS A 7  ? 0.04184 0.06996 0.04538 -0.01699 0.00310  0.00913  7   CYS A N   
95  C CA  . CYS A 7  ? 0.03771 0.07866 0.04767 -0.00933 0.00749  0.00805  7   CYS A CA  
96  C C   . CYS A 7  ? 0.03995 0.06394 0.04350 -0.00928 0.01047  0.00567  7   CYS A C   
97  O O   . CYS A 7  ? 0.05034 0.06969 0.04797 -0.00259 0.00740  -0.00144 7   CYS A O   
98  C CB  . CYS A 7  ? 0.04674 0.08242 0.05402 -0.00823 0.01080  0.00184  7   CYS A CB  
99  S SG  . CYS A 7  ? 0.08451 0.08817 0.06298 -0.01419 0.02846  0.01241  7   CYS A SG  
105 N N   A GLN A 8  ? 0.04752 0.05714 0.04843 -0.01178 -0.00200 0.00337  8   GLN A N   
106 N N   B GLN A 8  ? 0.03239 0.05495 0.03745 -0.01043 0.01344  0.00511  8   GLN A N   
107 C CA  A GLN A 8  ? 0.06270 0.06253 0.06761 -0.00432 -0.01635 0.00410  8   GLN A CA  
108 C CA  B GLN A 8  ? 0.02492 0.04958 0.03404 -0.00216 0.01616  0.00201  8   GLN A CA  
109 C C   A GLN A 8  ? 0.03387 0.05748 0.05067 0.00187  -0.00041 0.00055  8   GLN A C   
110 C C   B GLN A 8  ? 0.02127 0.05103 0.03384 0.00178  0.01324  -0.00101 8   GLN A C   
111 O O   A GLN A 8  ? 0.04171 0.06079 0.04452 0.00362  0.00034  0.00065  8   GLN A O   
112 O O   B GLN A 8  ? 0.01976 0.05388 0.03704 -0.00316 0.00806  0.00280  8   GLN A O   
113 C CB  A GLN A 8  ? 0.11765 0.07700 0.11309 -0.00073 -0.04182 0.01004  8   GLN A CB  
114 C CB  B GLN A 8  ? 0.02970 0.05057 0.04178 0.00404  0.02012  0.00104  8   GLN A CB  
115 C CG  A GLN A 8  ? 0.19050 0.09844 0.16187 -0.00369 -0.07904 0.02460  8   GLN A CG  
116 C CG  B GLN A 8  ? 0.08312 0.07693 0.07400 0.02182  0.00914  0.01571  8   GLN A CG  
117 C CD  A GLN A 8  ? 0.26816 0.11977 0.20508 -0.00558 -0.11096 0.04160  8   GLN A CD  
118 C CD  B GLN A 8  ? 0.14731 0.10823 0.11671 0.03532  -0.01273 0.03506  8   GLN A CD  
119 O OE1 A GLN A 8  ? 0.34116 0.14705 0.22416 0.01935  -0.11666 0.04230  8   GLN A OE1 
120 O OE1 B GLN A 8  ? 0.17929 0.11730 0.13020 0.04181  -0.01829 0.04049  8   GLN A OE1 
121 N NE2 A GLN A 8  ? 0.25178 0.11436 0.21666 -0.02958 -0.12122 0.04605  8   GLN A NE2 
122 N NE2 B GLN A 8  ? 0.17466 0.12199 0.13948 0.04287  -0.02993 0.04053  8   GLN A NE2 
139 N N   . AIB A 9  ? 0.03135 0.05193 0.04031 -0.00281 0.00420  0.00110  9   AIB A N   
140 C CA  . AIB A 9  ? 0.03062 0.05284 0.04054 -0.00490 0.00942  0.00265  9   AIB A CA  
141 C C   . AIB A 9  ? 0.02982 0.05124 0.04232 -0.00579 0.00722  0.00335  9   AIB A C   
142 O O   . AIB A 9  ? 0.03456 0.05101 0.04625 -0.00550 0.00601  0.00164  9   AIB A O   
143 C CB1 . AIB A 9  ? 0.02794 0.06032 0.04716 -0.00381 0.01007  0.00207  9   AIB A CB1 
144 C CB2 . AIB A 9  ? 0.04473 0.05525 0.03960 -0.00600 0.00720  0.00504  9   AIB A CB2 
152 N N   . LEU A 10 ? 0.03168 0.04967 0.04507 -0.00404 0.00748  0.00027  10  LEU A N   
153 C CA  . LEU A 10 ? 0.03240 0.05384 0.04482 -0.00258 0.01072  0.00172  10  LEU A CA  
154 C C   . LEU A 10 ? 0.03862 0.05933 0.04317 -0.00244 0.00918  0.00179  10  LEU A C   
155 O O   . LEU A 10 ? 0.05064 0.07886 0.04642 0.00813  0.01369  0.00467  10  LEU A O   
156 C CB  . LEU A 10 ? 0.02736 0.05848 0.04744 -0.00154 0.01256  0.00271  10  LEU A CB  
157 C CG  . LEU A 10 ? 0.03614 0.06742 0.05519 0.00805  0.01465  0.00511  10  LEU A CG  
158 C CD1 . LEU A 10 ? 0.04596 0.08236 0.06570 0.01047  -0.00244 0.00517  10  LEU A CD1 
159 C CD2 . LEU A 10 ? 0.05706 0.06799 0.08002 0.00534  0.00505  0.01496  10  LEU A CD2 
171 C C11 . I77 A 11 ? 0.05286 0.06167 0.06957 0.00799  -0.00013 0.01738  11  I77 A C11 
172 C C12 . I77 A 11 ? 0.04025 0.06087 0.05177 0.00369  0.00319  0.01086  11  I77 A C12 
173 C C13 . I77 A 11 ? 0.03494 0.05814 0.04438 0.00813  0.00588  0.00357  11  I77 A C13 
174 C C17 . I77 A 11 ? 0.04956 0.07343 0.04979 0.00374  0.00584  0.01648  11  I77 A C17 
175 C C18 . I77 A 11 ? 0.05655 0.08598 0.05857 0.00901  0.01050  0.02585  11  I77 A C18 
176 C C02 . I77 A 11 ? 0.09214 0.17758 0.13820 0.03678  0.02813  0.09002  11  I77 A C02 
177 C C03 . I77 A 11 ? 0.06959 0.15241 0.13386 0.02755  0.02104  0.08035  11  I77 A C03 
178 C C04 . I77 A 11 ? 0.09636 0.14314 0.11380 0.02279  0.00786  0.06909  11  I77 A C04 
179 C C05 . I77 A 11 ? 0.08919 0.12732 0.07948 0.02184  0.01364  0.05239  11  I77 A C05 
180 C C06 . I77 A 11 ? 0.07567 0.13673 0.13894 0.02158  0.01209  0.07426  11  I77 A C06 
181 C C08 . I77 A 11 ? 0.05607 0.10954 0.08929 0.01606  0.01242  0.04757  11  I77 A C08 
182 C C09 . I77 A 11 ? 0.04588 0.08731 0.07668 0.00853  0.00694  0.03413  11  I77 A C09 
183 N N01 . I77 A 11 ? 0.09879 0.17045 0.13952 0.03598  0.03585  0.08768  11  I77 A N01 
184 N N07 . I77 A 11 ? 0.07540 0.11947 0.12539 0.02142  0.01044  0.06078  11  I77 A N07 
185 N N10 . I77 A 11 ? 0.05414 0.06875 0.08148 0.00713  0.00082  0.02690  11  I77 A N10 
186 N N14 . I77 A 11 ? 0.05838 0.05718 0.04169 0.00053  0.00419  0.00648  11  I77 A N14 
187 N N15 . I77 A 11 ? 0.05085 0.06684 0.04145 0.00693  0.00794  0.00433  11  I77 A N15 
188 O O16 . I77 A 11 ? 0.03745 0.05755 0.04726 0.00547  0.00816  0.00530  11  I77 A O16 
189 O O19 . I77 A 11 ? 0.16403 0.20137 0.14467 0.04322  0.00792  0.09345  11  I77 A O19 
200 N N   A CCN B .  ? 0.28538 0.17124 0.40036 -0.07334 -0.03260 -0.00754 201 CCN A N   
201 C C1  A CCN B .  ? 0.26274 0.16956 0.40735 -0.08332 -0.03713 -0.00545 201 CCN A C1  
202 C C2  A CCN B .  ? 0.26558 0.17454 0.41388 -0.08106 -0.04539 -0.00550 201 CCN A C2  
206 O O   . HOH C .  ? 0.33103 0.30740 0.35680 0.05577  0.15111  0.15777  301 HOH A O   
207 O O   . HOH C .  ? 0.10005 0.08943 0.06166 -0.02800 -0.00652 0.01218  302 HOH A O   
208 O O   . HOH C .  ? 0.48125 0.16769 0.43236 0.05351  -0.13513 -0.06109 303 HOH A O   
209 O O   . HOH C .  ? 0.73236 0.19757 0.32541 0.02871  -0.13966 -0.01989 304 HOH A O   
210 O O   . HOH C .  ? 0.41279 0.29459 0.58418 -0.01372 -0.00414 0.03668  305 HOH A O   
# 
